data_2Q0E
#
_entry.id   2Q0E
#
_cell.length_a   80.788
_cell.length_b   41.917
_cell.length_c   106.388
_cell.angle_alpha   90.00
_cell.angle_beta   93.34
_cell.angle_gamma   90.00
#
_symmetry.space_group_name_H-M   'P 1 21 1'
#
loop_
_entity.id
_entity.type
_entity.pdbx_description
1 polymer 'RNA uridylyl transferase'
2 non-polymer 'MAGNESIUM ION'
3 non-polymer "GUANOSINE-5'-TRIPHOSPHATE"
4 water water
#
_entity_poly.entity_id   1
_entity_poly.type   'polypeptide(L)'
_entity_poly.pdbx_seq_one_letter_code
;MGSSHHHHHHSSGLVPRGSHMPPSPAVVGRSLVNSFKQFVSKDLHTRHVDATYRLVLDCVAAVDPLMRLYTFGSTVVYGV
HEKGSDVDFVVLNKTDVEDGKGGDAATQVAKGLQADILAKLARVIRQKHLSWNVEEVRRTRVPVVRVKGGGAVDFDITAY
RRNGVRNSALLRAYFEQNPPCRWLSMSIKRWSKQTGLNASVIGGSITSYGFNLMVVYYLLQRNHLQFVPPSTIDVSRVEP
LPPHLPLEEPADEGLELGTQVLDFLHFFLHEFDSDKQVISLNRPGITTKEELDWTKSAEDFARMNGEKVHYQWCIEDPYE
LNLNVGRNVTPLKRDFLRRHLEKARDTALLTIV
;
_entity_poly.pdbx_strand_id   A,B
#
# COMPACT_ATOMS: atom_id res chain seq x y z
N PRO A 23 42.19 -15.67 -19.45
CA PRO A 23 42.17 -14.70 -20.54
C PRO A 23 42.89 -13.38 -20.19
N SER A 24 43.64 -12.88 -21.16
CA SER A 24 44.22 -11.55 -21.11
C SER A 24 43.13 -10.48 -21.10
N PRO A 25 43.43 -9.29 -20.54
CA PRO A 25 42.60 -8.08 -20.66
C PRO A 25 42.11 -7.78 -22.08
N ALA A 26 42.98 -8.01 -23.08
CA ALA A 26 42.64 -7.78 -24.49
C ALA A 26 41.52 -8.71 -24.95
N VAL A 27 41.68 -9.99 -24.64
CA VAL A 27 40.70 -11.03 -24.95
C VAL A 27 39.33 -10.67 -24.35
N VAL A 28 39.31 -10.44 -23.03
CA VAL A 28 38.12 -9.98 -22.29
C VAL A 28 37.58 -8.69 -22.91
N GLY A 29 38.47 -7.74 -23.13
CA GLY A 29 38.10 -6.47 -23.74
C GLY A 29 37.34 -6.67 -25.03
N ARG A 30 37.92 -7.48 -25.93
CA ARG A 30 37.31 -7.78 -27.24
C ARG A 30 35.98 -8.53 -27.21
N SER A 31 35.84 -9.54 -26.36
CA SER A 31 34.55 -10.24 -26.26
C SER A 31 33.49 -9.33 -25.68
N LEU A 32 33.89 -8.48 -24.73
CA LEU A 32 32.98 -7.48 -24.15
C LEU A 32 32.45 -6.51 -25.18
N VAL A 33 33.33 -5.92 -25.99
CA VAL A 33 32.90 -5.01 -27.07
C VAL A 33 32.02 -5.73 -28.09
N ASN A 34 32.39 -6.96 -28.46
CA ASN A 34 31.57 -7.82 -29.32
C ASN A 34 30.20 -8.12 -28.75
N SER A 35 30.10 -8.29 -27.43
CA SER A 35 28.81 -8.58 -26.78
C SER A 35 27.87 -7.38 -26.75
N PHE A 36 28.44 -6.17 -26.83
CA PHE A 36 27.64 -4.96 -26.85
C PHE A 36 27.33 -4.42 -28.26
N LYS A 37 27.84 -5.08 -29.30
CA LYS A 37 27.68 -4.57 -30.67
C LYS A 37 26.23 -4.24 -31.04
N GLN A 38 25.31 -5.12 -30.65
CA GLN A 38 23.88 -4.90 -30.79
C GLN A 38 23.38 -3.72 -29.96
N PHE A 39 23.92 -3.58 -28.74
CA PHE A 39 23.54 -2.48 -27.86
C PHE A 39 23.95 -1.11 -28.42
N VAL A 40 25.15 -1.00 -28.98
CA VAL A 40 25.61 0.24 -29.63
C VAL A 40 25.09 0.44 -31.06
N SER A 41 24.37 -0.55 -31.60
CA SER A 41 23.73 -0.43 -32.92
C SER A 41 22.61 0.60 -32.90
N LYS A 42 21.62 0.38 -32.04
CA LYS A 42 20.46 1.27 -31.98
C LYS A 42 20.85 2.57 -31.28
N ASP A 43 19.97 3.58 -31.37
CA ASP A 43 20.27 4.87 -30.79
C ASP A 43 20.00 4.89 -29.26
N LEU A 44 20.97 5.47 -28.57
CA LEU A 44 21.11 5.43 -27.11
C LEU A 44 20.37 6.58 -26.40
N HIS A 45 20.03 7.62 -27.16
CA HIS A 45 19.52 8.90 -26.64
C HIS A 45 18.44 8.75 -25.56
N THR A 46 18.46 9.64 -24.58
CA THR A 46 17.44 9.70 -23.52
C THR A 46 16.28 10.62 -23.99
N ARG A 47 16.39 11.05 -25.25
CA ARG A 47 15.32 11.63 -26.07
C ARG A 47 13.99 10.88 -26.02
N HIS A 48 14.08 9.55 -25.94
CA HIS A 48 12.90 8.67 -26.03
C HIS A 48 12.00 8.76 -24.82
N VAL A 49 12.58 9.19 -23.70
CA VAL A 49 11.92 9.22 -22.41
C VAL A 49 10.93 10.40 -22.31
N ASP A 50 11.18 11.46 -23.09
CA ASP A 50 10.41 12.70 -23.04
C ASP A 50 8.91 12.50 -23.12
N ALA A 51 8.49 11.62 -24.02
CA ALA A 51 7.09 11.40 -24.34
C ALA A 51 6.39 10.71 -23.18
N THR A 52 6.99 9.60 -22.74
CA THR A 52 6.61 8.92 -21.48
C THR A 52 6.59 9.89 -20.30
N TYR A 53 7.64 10.70 -20.17
CA TYR A 53 7.69 11.72 -19.12
C TYR A 53 6.44 12.59 -19.21
N ARG A 54 6.09 12.99 -20.43
CA ARG A 54 4.93 13.85 -20.68
C ARG A 54 3.61 13.14 -20.38
N LEU A 55 3.52 11.88 -20.79
CA LEU A 55 2.35 11.05 -20.49
C LEU A 55 2.07 10.95 -19.00
N VAL A 56 3.13 10.66 -18.23
CA VAL A 56 3.05 10.48 -16.79
C VAL A 56 2.67 11.81 -16.14
N LEU A 57 3.31 12.89 -16.57
CA LEU A 57 2.95 14.23 -16.08
C LEU A 57 1.50 14.62 -16.42
N ASP A 58 1.00 14.15 -17.56
CA ASP A 58 -0.41 14.22 -17.90
C ASP A 58 -1.24 13.65 -16.75
N CYS A 59 -0.96 12.39 -16.37
CA CYS A 59 -1.67 11.74 -15.26
C CYS A 59 -1.47 12.48 -13.93
N VAL A 60 -0.21 12.80 -13.59
CA VAL A 60 0.10 13.52 -12.36
C VAL A 60 -0.69 14.83 -12.25
N ALA A 61 -0.68 15.62 -13.32
CA ALA A 61 -1.40 16.90 -13.35
C ALA A 61 -2.87 16.80 -12.96
N ALA A 62 -3.55 15.76 -13.44
CA ALA A 62 -4.96 15.52 -13.11
C ALA A 62 -5.21 15.30 -11.61
N VAL A 63 -4.19 14.81 -10.91
CA VAL A 63 -4.26 14.64 -9.47
C VAL A 63 -3.92 15.99 -8.84
N ASP A 64 -2.91 16.65 -9.40
CA ASP A 64 -2.44 17.91 -8.86
C ASP A 64 -1.52 18.59 -9.88
N PRO A 65 -1.99 19.70 -10.50
CA PRO A 65 -1.22 20.46 -11.50
C PRO A 65 0.00 21.18 -10.92
N LEU A 66 0.07 21.28 -9.59
CA LEU A 66 1.24 21.84 -8.92
C LEU A 66 2.34 20.81 -8.51
N MET A 67 2.09 19.53 -8.76
CA MET A 67 3.05 18.44 -8.47
C MET A 67 4.14 18.28 -9.53
N ARG A 68 5.38 18.03 -9.10
CA ARG A 68 6.52 17.88 -10.02
C ARG A 68 6.76 16.41 -10.38
N LEU A 69 7.30 16.15 -11.58
CA LEU A 69 7.73 14.80 -11.93
C LEU A 69 9.26 14.77 -12.11
N TYR A 70 9.94 13.89 -11.37
CA TYR A 70 11.38 13.77 -11.53
C TYR A 70 11.74 12.38 -12.05
N THR A 71 12.85 12.27 -12.77
CA THR A 71 13.35 11.01 -13.26
C THR A 71 14.57 10.58 -12.43
N PHE A 72 14.77 9.29 -12.30
CA PHE A 72 15.97 8.76 -11.66
C PHE A 72 16.22 7.35 -12.14
N GLY A 73 17.14 6.64 -11.50
CA GLY A 73 17.50 5.29 -11.92
C GLY A 73 18.48 5.37 -13.06
N SER A 74 18.63 4.26 -13.78
CA SER A 74 19.71 4.08 -14.76
C SER A 74 19.67 5.11 -15.86
N THR A 75 18.46 5.50 -16.26
CA THR A 75 18.25 6.62 -17.20
C THR A 75 19.07 7.87 -16.83
N VAL A 76 19.04 8.24 -15.55
CA VAL A 76 19.80 9.41 -15.05
C VAL A 76 21.29 9.11 -14.84
N VAL A 77 21.56 7.96 -14.21
CA VAL A 77 22.94 7.53 -13.87
C VAL A 77 23.79 7.48 -15.12
N TYR A 78 23.25 6.86 -16.15
CA TYR A 78 24.00 6.70 -17.38
C TYR A 78 23.82 7.86 -18.36
N GLY A 79 22.68 8.55 -18.35
CA GLY A 79 22.42 9.52 -19.39
C GLY A 79 22.04 8.85 -20.71
N VAL A 80 21.85 7.53 -20.67
CA VAL A 80 21.43 6.71 -21.82
C VAL A 80 20.23 5.83 -21.40
N HIS A 81 19.40 5.42 -22.35
CA HIS A 81 18.24 4.60 -21.98
C HIS A 81 18.31 3.17 -22.54
N GLU A 82 18.53 2.22 -21.61
CA GLU A 82 18.80 0.80 -21.91
C GLU A 82 17.53 0.00 -22.16
N LYS A 83 17.64 -1.01 -23.03
CA LYS A 83 16.55 -1.98 -23.29
C LYS A 83 16.49 -3.03 -22.18
N GLY A 84 15.27 -3.32 -21.72
CA GLY A 84 15.07 -4.22 -20.59
C GLY A 84 15.22 -3.48 -19.27
N SER A 85 15.40 -2.18 -19.36
CA SER A 85 15.40 -1.28 -18.22
C SER A 85 14.11 -0.45 -18.23
N ASP A 86 13.50 -0.33 -17.06
CA ASP A 86 12.33 0.53 -16.87
C ASP A 86 12.76 2.01 -16.83
N VAL A 87 11.81 2.92 -16.61
CA VAL A 87 12.13 4.28 -16.17
C VAL A 87 11.68 4.41 -14.71
N ASP A 88 12.41 5.17 -13.91
CA ASP A 88 12.00 5.46 -12.54
C ASP A 88 11.53 6.90 -12.44
N PHE A 89 10.31 7.08 -11.95
CA PHE A 89 9.78 8.42 -11.70
C PHE A 89 9.43 8.61 -10.23
N VAL A 90 9.55 9.83 -9.76
CA VAL A 90 9.02 10.21 -8.45
C VAL A 90 8.21 11.51 -8.54
N VAL A 91 7.13 11.56 -7.79
CA VAL A 91 6.29 12.72 -7.81
C VAL A 91 6.67 13.58 -6.60
N LEU A 92 6.96 14.85 -6.83
CA LEU A 92 7.44 15.70 -5.75
C LEU A 92 6.63 16.98 -5.65
N ASN A 93 6.43 17.45 -4.44
CA ASN A 93 5.84 18.76 -4.27
C ASN A 93 6.96 19.80 -4.37
N LYS A 94 6.58 21.04 -4.69
CA LYS A 94 7.49 22.19 -4.73
C LYS A 94 8.39 22.29 -3.49
N THR A 95 7.79 22.19 -2.32
CA THR A 95 8.49 22.22 -1.05
C THR A 95 9.48 21.07 -0.84
N ASP A 96 9.14 19.88 -1.35
CA ASP A 96 10.05 18.74 -1.36
C ASP A 96 11.33 19.04 -2.14
N VAL A 97 11.17 19.69 -3.29
CA VAL A 97 12.30 20.08 -4.16
C VAL A 97 13.17 21.17 -3.50
N GLU A 98 12.54 22.24 -3.03
CA GLU A 98 13.24 23.36 -2.38
C GLU A 98 14.05 22.87 -1.19
N ASP A 99 13.66 21.74 -0.61
CA ASP A 99 14.41 21.18 0.51
C ASP A 99 15.39 20.13 -0.05
N GLY A 100 16.28 20.59 -0.92
CA GLY A 100 17.04 19.73 -1.83
C GLY A 100 18.06 18.81 -1.21
N LYS A 101 18.34 18.99 0.07
CA LYS A 101 19.31 18.15 0.77
C LYS A 101 18.67 17.49 1.99
N GLY A 102 17.35 17.58 2.10
CA GLY A 102 16.66 16.95 3.22
C GLY A 102 16.67 15.43 3.10
N GLY A 103 16.69 14.77 4.26
CA GLY A 103 16.54 13.31 4.31
C GLY A 103 15.11 12.90 3.98
N ASP A 104 14.90 11.61 3.75
CA ASP A 104 13.55 11.08 3.57
C ASP A 104 13.11 10.32 4.84
N ALA A 105 11.96 10.74 5.40
CA ALA A 105 11.41 10.14 6.61
C ALA A 105 11.13 8.66 6.44
N ALA A 106 11.65 7.86 7.37
CA ALA A 106 11.37 6.42 7.42
C ALA A 106 10.33 6.19 8.51
N THR A 107 9.13 6.71 8.27
CA THR A 107 8.02 6.63 9.22
C THR A 107 6.76 6.10 8.55
N GLN A 108 5.86 5.61 9.39
CA GLN A 108 4.60 5.03 8.98
C GLN A 108 3.68 6.08 8.36
N VAL A 109 3.71 7.31 8.87
CA VAL A 109 2.90 8.36 8.27
C VAL A 109 3.42 8.77 6.88
N ALA A 110 4.76 8.84 6.72
CA ALA A 110 5.34 9.11 5.39
C ALA A 110 4.88 8.06 4.38
N LYS A 111 5.07 6.79 4.72
CA LYS A 111 4.57 5.66 3.93
C LYS A 111 3.09 5.79 3.55
N GLY A 112 2.25 6.20 4.50
CA GLY A 112 0.81 6.37 4.27
C GLY A 112 0.46 7.49 3.32
N LEU A 113 1.17 8.62 3.47
CA LEU A 113 1.12 9.75 2.54
C LEU A 113 1.41 9.34 1.10
N GLN A 114 2.49 8.59 0.94
CA GLN A 114 2.94 8.13 -0.36
C GLN A 114 1.92 7.17 -1.02
N ALA A 115 1.31 6.30 -0.23
CA ALA A 115 0.32 5.32 -0.72
C ALA A 115 -0.99 6.03 -1.11
N ASP A 116 -1.37 7.02 -0.30
CA ASP A 116 -2.56 7.82 -0.59
C ASP A 116 -2.47 8.51 -1.95
N ILE A 117 -1.39 9.25 -2.18
CA ILE A 117 -1.20 9.92 -3.47
C ILE A 117 -1.00 8.99 -4.68
N LEU A 118 -0.23 7.90 -4.49
CA LEU A 118 -0.02 6.85 -5.50
C LEU A 118 -1.29 6.07 -5.90
N ALA A 119 -2.22 5.89 -4.95
CA ALA A 119 -3.51 5.26 -5.22
C ALA A 119 -4.33 6.14 -6.15
N LYS A 120 -4.39 7.44 -5.84
CA LYS A 120 -5.07 8.42 -6.69
C LYS A 120 -4.54 8.46 -8.10
N LEU A 121 -3.22 8.50 -8.21
CA LEU A 121 -2.52 8.48 -9.49
C LEU A 121 -2.71 7.19 -10.28
N ALA A 122 -2.65 6.03 -9.61
CA ALA A 122 -2.87 4.74 -10.30
C ALA A 122 -4.25 4.71 -10.95
N ARG A 123 -5.21 5.33 -10.28
CA ARG A 123 -6.59 5.38 -10.72
C ARG A 123 -6.67 6.18 -12.03
N VAL A 124 -6.10 7.38 -12.03
CA VAL A 124 -5.93 8.21 -13.25
C VAL A 124 -5.20 7.50 -14.40
N ILE A 125 -4.06 6.87 -14.11
CA ILE A 125 -3.35 6.10 -15.13
C ILE A 125 -4.25 5.01 -15.78
N ARG A 126 -5.05 4.31 -14.97
CA ARG A 126 -6.02 3.34 -15.47
C ARG A 126 -7.10 4.01 -16.32
N GLN A 127 -7.74 5.06 -15.79
CA GLN A 127 -8.73 5.84 -16.55
C GLN A 127 -8.16 6.20 -17.91
N LYS A 128 -7.05 6.93 -17.90
CA LYS A 128 -6.43 7.47 -19.11
C LYS A 128 -5.79 6.42 -20.02
N HIS A 129 -5.46 5.24 -19.49
CA HIS A 129 -4.80 4.21 -20.29
C HIS A 129 -5.35 2.82 -20.04
N LEU A 130 -6.47 2.52 -20.71
CA LEU A 130 -7.23 1.30 -20.47
C LEU A 130 -6.45 0.00 -20.66
N SER A 131 -5.41 0.00 -21.50
CA SER A 131 -4.65 -1.22 -21.79
C SER A 131 -3.42 -1.46 -20.91
N TRP A 132 -3.06 -0.47 -20.09
CA TRP A 132 -1.88 -0.57 -19.24
C TRP A 132 -2.17 -1.40 -18.00
N ASN A 133 -1.20 -2.21 -17.58
CA ASN A 133 -1.29 -2.83 -16.27
C ASN A 133 -0.69 -1.90 -15.20
N VAL A 134 -1.51 -1.55 -14.22
CA VAL A 134 -1.13 -0.59 -13.19
C VAL A 134 -1.11 -1.26 -11.81
N GLU A 135 0.07 -1.69 -11.37
CA GLU A 135 0.14 -2.49 -10.16
C GLU A 135 0.48 -1.65 -8.91
N GLU A 136 -0.38 -1.73 -7.91
CA GLU A 136 -0.05 -1.12 -6.62
C GLU A 136 0.74 -2.10 -5.77
N VAL A 137 2.07 -1.90 -5.80
CA VAL A 137 3.03 -2.82 -5.19
C VAL A 137 3.22 -2.51 -3.70
N ARG A 138 2.90 -3.48 -2.86
CA ARG A 138 2.95 -3.24 -1.44
C ARG A 138 3.91 -4.18 -0.69
N ARG A 139 4.73 -4.93 -1.43
CA ARG A 139 5.71 -5.86 -0.83
C ARG A 139 6.92 -5.13 -0.23
N THR A 140 6.96 -3.81 -0.46
CA THR A 140 8.17 -3.01 -0.42
C THR A 140 8.23 -2.05 0.78
N ARG A 141 9.45 -1.63 1.12
CA ARG A 141 9.66 -0.54 2.11
C ARG A 141 9.06 0.80 1.63
N VAL A 142 9.19 1.06 0.33
CA VAL A 142 8.74 2.30 -0.30
C VAL A 142 7.55 2.02 -1.22
N PRO A 143 6.38 2.65 -0.94
CA PRO A 143 5.22 2.44 -1.82
C PRO A 143 5.58 2.80 -3.26
N VAL A 144 5.21 1.90 -4.17
CA VAL A 144 5.53 2.08 -5.59
C VAL A 144 4.38 1.62 -6.47
N VAL A 145 4.19 2.30 -7.59
CA VAL A 145 3.24 1.86 -8.58
C VAL A 145 4.01 1.36 -9.79
N ARG A 146 3.74 0.11 -10.20
CA ARG A 146 4.45 -0.50 -11.31
C ARG A 146 3.57 -0.58 -12.57
N VAL A 147 4.05 0.05 -13.65
CA VAL A 147 3.26 0.15 -14.87
C VAL A 147 3.96 -0.58 -16.01
N LYS A 148 3.20 -1.44 -16.68
CA LYS A 148 3.61 -2.09 -17.94
C LYS A 148 2.51 -1.82 -18.94
N GLY A 149 2.81 -1.02 -19.96
CA GLY A 149 1.86 -0.72 -21.06
C GLY A 149 1.91 -1.68 -22.25
N GLY A 150 3.09 -2.14 -22.65
CA GLY A 150 3.22 -3.09 -23.77
C GLY A 150 4.35 -2.82 -24.74
N GLY A 151 4.47 -1.59 -25.22
CA GLY A 151 5.60 -1.21 -26.08
C GLY A 151 6.86 -1.08 -25.23
N ALA A 152 7.17 -2.13 -24.48
CA ALA A 152 8.04 -2.04 -23.31
C ALA A 152 7.93 -0.66 -22.64
N VAL A 153 6.71 -0.11 -22.62
CA VAL A 153 6.42 1.11 -21.84
C VAL A 153 6.38 0.66 -20.39
N ASP A 154 7.51 0.87 -19.70
CA ASP A 154 7.80 0.20 -18.46
C ASP A 154 8.34 1.21 -17.45
N PHE A 155 7.70 1.30 -16.28
CA PHE A 155 8.14 2.27 -15.28
C PHE A 155 7.49 2.11 -13.93
N ASP A 156 8.25 2.53 -12.92
CA ASP A 156 7.82 2.63 -11.54
C ASP A 156 7.64 4.11 -11.19
N ILE A 157 6.64 4.40 -10.37
CA ILE A 157 6.45 5.75 -9.85
C ILE A 157 6.41 5.67 -8.34
N THR A 158 7.18 6.52 -7.68
CA THR A 158 7.16 6.67 -6.23
C THR A 158 6.72 8.10 -5.90
N ALA A 159 6.58 8.43 -4.61
CA ALA A 159 6.20 9.77 -4.24
C ALA A 159 7.00 10.32 -3.05
N TYR A 160 7.24 11.63 -3.09
CA TYR A 160 7.65 12.42 -1.93
C TYR A 160 9.03 12.06 -1.37
N ARG A 161 9.89 11.52 -2.22
CA ARG A 161 11.18 11.04 -1.75
C ARG A 161 12.23 11.68 -2.63
N ARG A 162 13.27 12.19 -1.98
CA ARG A 162 14.38 12.79 -2.66
C ARG A 162 15.48 11.76 -2.93
N ASN A 163 15.53 10.67 -2.16
CA ASN A 163 16.75 9.86 -2.14
C ASN A 163 17.07 9.09 -3.42
N GLY A 164 16.06 8.65 -4.18
CA GLY A 164 16.31 8.11 -5.51
C GLY A 164 16.89 9.08 -6.55
N VAL A 165 16.33 10.29 -6.64
CA VAL A 165 16.92 11.33 -7.51
C VAL A 165 18.34 11.74 -7.06
N ARG A 166 18.57 11.66 -5.76
CA ARG A 166 19.81 12.09 -5.17
C ARG A 166 20.93 11.08 -5.39
N ASN A 167 20.68 9.82 -5.05
CA ASN A 167 21.71 8.82 -5.36
C ASN A 167 21.99 8.66 -6.85
N SER A 168 20.96 8.87 -7.67
CA SER A 168 21.13 8.80 -9.13
C SER A 168 21.93 9.99 -9.63
N ALA A 169 21.70 11.17 -9.07
CA ALA A 169 22.49 12.35 -9.42
C ALA A 169 23.91 12.22 -8.94
N LEU A 170 24.10 11.55 -7.80
CA LEU A 170 25.48 11.26 -7.32
C LEU A 170 26.23 10.33 -8.23
N LEU A 171 25.58 9.24 -8.62
CA LEU A 171 26.20 8.26 -9.54
C LEU A 171 26.43 8.88 -10.91
N ARG A 172 25.47 9.65 -11.38
CA ARG A 172 25.61 10.41 -12.62
C ARG A 172 26.81 11.38 -12.56
N ALA A 173 26.93 12.14 -11.48
CA ALA A 173 28.07 13.04 -11.30
C ALA A 173 29.38 12.28 -11.40
N TYR A 174 29.42 11.04 -10.88
CA TYR A 174 30.65 10.24 -10.92
C TYR A 174 30.94 9.79 -12.33
N PHE A 175 29.92 9.31 -13.03
CA PHE A 175 30.14 8.85 -14.38
C PHE A 175 30.44 9.98 -15.37
N GLU A 176 30.02 11.21 -15.06
CA GLU A 176 30.39 12.38 -15.88
C GLU A 176 31.88 12.75 -15.78
N GLN A 177 32.53 12.36 -14.68
CA GLN A 177 33.94 12.63 -14.50
C GLN A 177 34.68 11.81 -15.49
N ASN A 178 34.26 10.55 -15.62
CA ASN A 178 34.94 9.58 -16.46
C ASN A 178 33.88 8.76 -17.22
N PRO A 179 33.35 9.34 -18.33
CA PRO A 179 32.22 8.70 -19.00
C PRO A 179 32.42 7.27 -19.56
N PRO A 180 33.64 6.91 -20.05
CA PRO A 180 33.83 5.49 -20.47
C PRO A 180 33.69 4.42 -19.37
N CYS A 181 33.72 4.83 -18.11
CA CYS A 181 33.49 3.90 -16.99
C CYS A 181 32.09 3.31 -16.95
N ARG A 182 31.17 3.92 -17.70
CA ARG A 182 29.82 3.39 -17.77
C ARG A 182 29.80 1.98 -18.37
N TRP A 183 30.78 1.65 -19.20
CA TRP A 183 30.91 0.32 -19.79
C TRP A 183 31.28 -0.74 -18.76
N LEU A 184 32.16 -0.41 -17.82
CA LEU A 184 32.48 -1.33 -16.74
C LEU A 184 31.21 -1.60 -15.97
N SER A 185 30.52 -0.52 -15.63
CA SER A 185 29.28 -0.58 -14.89
C SER A 185 28.25 -1.45 -15.61
N MET A 186 28.04 -1.17 -16.90
CA MET A 186 27.00 -1.83 -17.69
C MET A 186 27.33 -3.31 -17.85
N SER A 187 28.63 -3.60 -18.00
CA SER A 187 29.12 -4.98 -18.07
C SER A 187 28.78 -5.72 -16.78
N ILE A 188 29.00 -5.08 -15.63
CA ILE A 188 28.67 -5.69 -14.34
C ILE A 188 27.16 -5.89 -14.14
N LYS A 189 26.33 -4.90 -14.53
CA LYS A 189 24.88 -5.03 -14.41
C LYS A 189 24.32 -6.22 -15.21
N ARG A 190 24.77 -6.39 -16.44
CA ARG A 190 24.24 -7.43 -17.32
C ARG A 190 24.64 -8.80 -16.81
N TRP A 191 25.88 -8.90 -16.37
CA TRP A 191 26.44 -10.09 -15.79
C TRP A 191 25.72 -10.50 -14.50
N SER A 192 25.59 -9.55 -13.56
CA SER A 192 24.93 -9.80 -12.29
C SER A 192 23.58 -10.48 -12.53
N LYS A 193 22.88 -10.07 -13.58
CA LYS A 193 21.59 -10.64 -13.96
C LYS A 193 21.71 -12.03 -14.61
N GLN A 194 22.70 -12.19 -15.50
CA GLN A 194 23.04 -13.47 -16.15
C GLN A 194 23.36 -14.56 -15.14
N THR A 195 24.09 -14.20 -14.10
CA THR A 195 24.53 -15.15 -13.07
C THR A 195 23.49 -15.44 -11.96
N GLY A 196 22.34 -14.74 -11.98
CA GLY A 196 21.38 -14.81 -10.88
C GLY A 196 21.79 -14.05 -9.61
N LEU A 197 22.81 -13.21 -9.70
CA LEU A 197 23.26 -12.41 -8.53
C LEU A 197 22.38 -11.21 -8.29
N ASN A 198 21.91 -10.59 -9.37
CA ASN A 198 21.08 -9.36 -9.31
C ASN A 198 19.77 -9.68 -8.69
N ALA A 199 19.31 -8.79 -7.80
CA ALA A 199 18.08 -8.95 -7.08
C ALA A 199 16.85 -9.08 -7.97
N SER A 200 16.97 -8.75 -9.27
CA SER A 200 15.82 -8.84 -10.20
C SER A 200 15.46 -10.29 -10.54
N VAL A 201 16.41 -11.19 -10.33
CA VAL A 201 16.26 -12.62 -10.57
C VAL A 201 15.94 -13.33 -9.24
N ILE A 202 15.05 -14.33 -9.29
CA ILE A 202 14.80 -15.21 -8.12
C ILE A 202 16.11 -15.77 -7.56
N GLY A 203 16.30 -15.66 -6.26
CA GLY A 203 17.57 -16.07 -5.62
C GLY A 203 18.64 -14.99 -5.62
N GLY A 204 18.33 -13.83 -6.22
CA GLY A 204 19.29 -12.74 -6.33
C GLY A 204 19.36 -11.94 -5.04
N SER A 205 20.51 -11.34 -4.76
CA SER A 205 20.74 -10.66 -3.46
C SER A 205 21.12 -9.18 -3.53
N ILE A 206 21.70 -8.74 -4.65
CA ILE A 206 22.10 -7.34 -4.77
C ILE A 206 21.42 -6.69 -5.97
N THR A 207 20.76 -5.55 -5.75
CA THR A 207 20.15 -4.78 -6.85
C THR A 207 21.22 -4.19 -7.72
N SER A 208 20.82 -3.69 -8.88
CA SER A 208 21.69 -3.00 -9.84
C SER A 208 22.34 -1.76 -9.22
N TYR A 209 21.55 -1.04 -8.41
CA TYR A 209 22.02 0.06 -7.60
C TYR A 209 23.24 -0.36 -6.75
N GLY A 210 23.10 -1.47 -6.02
CA GLY A 210 24.21 -2.08 -5.26
C GLY A 210 25.47 -2.34 -6.06
N PHE A 211 25.30 -2.87 -7.27
CA PHE A 211 26.40 -3.14 -8.16
C PHE A 211 27.11 -1.86 -8.61
N ASN A 212 26.34 -0.82 -8.89
CA ASN A 212 26.87 0.52 -9.18
C ASN A 212 27.66 1.12 -8.04
N LEU A 213 27.15 1.00 -6.83
CA LEU A 213 27.91 1.40 -5.63
C LEU A 213 29.28 0.73 -5.54
N MET A 214 29.31 -0.59 -5.76
CA MET A 214 30.55 -1.37 -5.86
C MET A 214 31.53 -0.96 -6.97
N VAL A 215 31.01 -0.71 -8.16
CA VAL A 215 31.82 -0.24 -9.31
C VAL A 215 32.50 1.11 -9.00
N VAL A 216 31.69 2.09 -8.64
CA VAL A 216 32.20 3.38 -8.18
C VAL A 216 33.22 3.23 -7.02
N TYR A 217 32.89 2.48 -5.96
CA TYR A 217 33.82 2.31 -4.85
C TYR A 217 35.14 1.76 -5.35
N TYR A 218 35.07 0.76 -6.22
CA TYR A 218 36.25 0.21 -6.87
C TYR A 218 37.02 1.31 -7.62
N LEU A 219 36.34 2.10 -8.44
CA LEU A 219 37.03 3.08 -9.30
C LEU A 219 37.73 4.16 -8.47
N LEU A 220 37.13 4.49 -7.34
CA LEU A 220 37.65 5.42 -6.36
C LEU A 220 38.94 4.89 -5.71
N GLN A 221 38.94 3.62 -5.32
CA GLN A 221 40.10 3.01 -4.71
C GLN A 221 41.27 2.99 -5.70
N ARG A 222 40.95 2.87 -6.99
CA ARG A 222 41.99 2.94 -8.02
C ARG A 222 42.32 4.35 -8.54
N ASN A 223 41.69 5.38 -8.00
CA ASN A 223 41.96 6.77 -8.38
C ASN A 223 41.52 7.03 -9.84
N HIS A 224 40.56 6.25 -10.32
CA HIS A 224 39.93 6.48 -11.63
C HIS A 224 38.86 7.56 -11.54
N LEU A 225 38.42 7.82 -10.31
CA LEU A 225 37.42 8.84 -10.06
C LEU A 225 37.91 9.65 -8.90
N GLN A 226 37.40 10.89 -8.82
CA GLN A 226 37.67 11.82 -7.75
C GLN A 226 36.46 11.86 -6.79
N PHE A 227 36.74 11.83 -5.49
CA PHE A 227 35.68 11.72 -4.50
C PHE A 227 34.68 12.88 -4.54
N VAL A 228 33.40 12.54 -4.49
CA VAL A 228 32.34 13.52 -4.46
C VAL A 228 31.61 13.28 -3.16
N PRO A 229 31.60 14.28 -2.25
CA PRO A 229 30.86 14.11 -1.01
C PRO A 229 29.38 14.10 -1.35
N PRO A 230 28.65 13.06 -0.89
CA PRO A 230 27.21 12.88 -1.16
C PRO A 230 26.38 14.09 -0.75
N SER A 231 26.77 14.77 0.33
CA SER A 231 26.12 16.00 0.79
C SER A 231 26.14 17.17 -0.21
N THR A 232 27.07 17.16 -1.15
CA THR A 232 27.10 18.22 -2.16
C THR A 232 26.00 18.10 -3.21
N ILE A 233 25.28 16.97 -3.23
CA ILE A 233 24.18 16.77 -4.19
C ILE A 233 22.88 17.43 -3.72
N ASP A 234 22.29 18.24 -4.58
CA ASP A 234 21.20 19.13 -4.22
C ASP A 234 20.04 18.92 -5.18
N VAL A 235 18.93 18.44 -4.65
CA VAL A 235 17.76 18.12 -5.47
C VAL A 235 17.16 19.38 -6.12
N SER A 236 17.22 20.50 -5.41
CA SER A 236 16.78 21.79 -5.96
C SER A 236 17.58 22.26 -7.19
N ARG A 237 18.68 21.58 -7.47
CA ARG A 237 19.57 21.89 -8.59
C ARG A 237 19.68 20.78 -9.63
N VAL A 238 18.93 19.70 -9.46
CA VAL A 238 18.91 18.66 -10.48
C VAL A 238 17.79 18.91 -11.50
N GLU A 239 18.02 18.45 -12.71
CA GLU A 239 17.02 18.44 -13.74
C GLU A 239 15.99 17.31 -13.51
N PRO A 240 14.68 17.63 -13.57
CA PRO A 240 13.61 16.63 -13.55
C PRO A 240 13.87 15.54 -14.58
N LEU A 241 14.45 15.93 -15.70
CA LEU A 241 14.78 15.04 -16.81
C LEU A 241 16.10 15.50 -17.41
N PRO A 242 17.22 14.96 -16.88
CA PRO A 242 18.56 15.33 -17.29
C PRO A 242 18.86 14.99 -18.75
N PRO A 243 19.75 15.78 -19.36
CA PRO A 243 20.10 15.55 -20.75
C PRO A 243 20.81 14.21 -20.99
N HIS A 244 20.77 13.81 -22.25
CA HIS A 244 21.52 12.68 -22.77
C HIS A 244 23.02 12.90 -22.56
N LEU A 245 23.72 11.79 -22.33
CA LEU A 245 25.16 11.76 -22.19
C LEU A 245 25.62 10.69 -23.15
N PRO A 246 26.17 11.09 -24.32
CA PRO A 246 26.57 10.15 -25.36
C PRO A 246 27.53 9.03 -24.90
N LEU A 247 27.18 7.81 -25.28
CA LEU A 247 28.01 6.65 -25.07
C LEU A 247 28.68 6.28 -26.37
N GLU A 248 29.99 6.15 -26.34
CA GLU A 248 30.73 5.72 -27.51
C GLU A 248 31.52 4.45 -27.23
N GLU A 249 31.60 3.60 -28.25
CA GLU A 249 32.34 2.34 -28.18
C GLU A 249 33.75 2.50 -27.58
N PRO A 250 34.18 1.55 -26.74
CA PRO A 250 35.57 1.59 -26.26
C PRO A 250 36.55 1.59 -27.45
N ALA A 251 37.18 2.74 -27.71
CA ALA A 251 37.90 2.98 -28.97
C ALA A 251 39.27 2.31 -29.09
N ASP A 252 39.73 1.72 -27.99
CA ASP A 252 41.01 1.02 -27.92
C ASP A 252 40.85 -0.50 -27.98
N GLU A 253 39.84 -0.98 -28.72
CA GLU A 253 39.60 -2.42 -28.88
C GLU A 253 38.96 -3.05 -27.63
N GLY A 254 38.74 -2.22 -26.61
CA GLY A 254 38.16 -2.66 -25.35
C GLY A 254 39.19 -3.04 -24.29
N LEU A 255 40.44 -2.65 -24.52
CA LEU A 255 41.54 -3.02 -23.64
C LEU A 255 41.40 -2.44 -22.22
N GLU A 256 40.93 -1.20 -22.13
CA GLU A 256 40.73 -0.48 -20.88
C GLU A 256 39.63 -1.17 -20.10
N LEU A 257 38.51 -1.41 -20.78
CA LEU A 257 37.39 -2.18 -20.26
C LEU A 257 37.82 -3.54 -19.70
N GLY A 258 38.61 -4.30 -20.48
CA GLY A 258 39.01 -5.65 -20.11
C GLY A 258 39.95 -5.64 -18.94
N THR A 259 40.77 -4.60 -18.90
CA THR A 259 41.73 -4.39 -17.83
C THR A 259 40.99 -4.00 -16.54
N GLN A 260 39.91 -3.23 -16.70
CA GLN A 260 39.09 -2.75 -15.58
C GLN A 260 38.30 -3.92 -14.98
N VAL A 261 37.59 -4.64 -15.85
CA VAL A 261 36.84 -5.85 -15.47
C VAL A 261 37.67 -6.83 -14.66
N LEU A 262 38.88 -7.14 -15.12
CA LEU A 262 39.73 -8.10 -14.43
C LEU A 262 40.27 -7.55 -13.11
N ASP A 263 40.52 -6.25 -13.10
CA ASP A 263 40.98 -5.57 -11.90
C ASP A 263 39.84 -5.46 -10.88
N PHE A 264 38.63 -5.21 -11.38
CA PHE A 264 37.42 -5.18 -10.57
C PHE A 264 37.17 -6.53 -9.87
N LEU A 265 37.26 -7.63 -10.63
CA LEU A 265 37.08 -8.98 -10.07
C LEU A 265 38.19 -9.32 -9.08
N HIS A 266 39.44 -9.01 -9.43
CA HIS A 266 40.55 -9.25 -8.52
C HIS A 266 40.34 -8.47 -7.22
N PHE A 267 40.02 -7.18 -7.33
CA PHE A 267 39.76 -6.34 -6.18
C PHE A 267 38.68 -6.93 -5.25
N PHE A 268 37.56 -7.35 -5.81
CA PHE A 268 36.47 -7.84 -4.96
C PHE A 268 36.65 -9.26 -4.44
N LEU A 269 37.56 -9.99 -5.09
CA LEU A 269 37.98 -11.32 -4.66
C LEU A 269 39.18 -11.31 -3.73
N HIS A 270 40.17 -10.44 -4.00
CA HIS A 270 41.44 -10.48 -3.26
C HIS A 270 41.85 -9.24 -2.44
N GLU A 271 41.19 -8.10 -2.62
CA GLU A 271 41.63 -6.90 -1.90
C GLU A 271 40.58 -6.40 -0.93
N PHE A 272 39.33 -6.34 -1.39
CA PHE A 272 38.25 -5.97 -0.50
C PHE A 272 38.05 -7.06 0.54
N ASP A 273 38.11 -6.67 1.81
CA ASP A 273 37.96 -7.58 2.95
C ASP A 273 36.54 -7.50 3.45
N SER A 274 35.69 -8.42 3.00
CA SER A 274 34.26 -8.41 3.29
C SER A 274 33.94 -8.67 4.73
N ASP A 275 34.94 -9.17 5.46
CA ASP A 275 34.79 -9.48 6.86
C ASP A 275 34.97 -8.25 7.71
N LYS A 276 35.74 -7.29 7.21
CA LYS A 276 36.04 -6.11 8.00
C LYS A 276 35.58 -4.79 7.38
N GLN A 277 35.29 -4.83 6.09
CA GLN A 277 35.14 -3.58 5.34
C GLN A 277 33.74 -3.41 4.76
N VAL A 278 33.43 -2.14 4.43
CA VAL A 278 32.14 -1.71 3.91
C VAL A 278 32.42 -0.94 2.63
N ILE A 279 31.77 -1.38 1.57
CA ILE A 279 31.72 -0.63 0.31
C ILE A 279 30.93 0.65 0.60
N SER A 280 31.61 1.78 0.56
CA SER A 280 30.99 3.03 0.94
C SER A 280 31.41 4.20 0.03
N LEU A 281 30.45 5.07 -0.30
CA LEU A 281 30.80 6.34 -0.97
C LEU A 281 30.58 7.53 -0.05
N ASN A 282 30.39 7.27 1.24
CA ASN A 282 30.18 8.35 2.19
C ASN A 282 31.48 9.05 2.54
N ARG A 283 32.60 8.36 2.35
CA ARG A 283 33.93 8.86 2.71
C ARG A 283 34.95 8.25 1.76
N PRO A 284 36.05 8.98 1.49
CA PRO A 284 37.08 8.38 0.64
C PRO A 284 37.90 7.47 1.55
N GLY A 285 38.59 6.48 1.00
CA GLY A 285 39.29 5.50 1.83
C GLY A 285 38.42 4.36 2.37
N ILE A 286 38.88 3.75 3.46
CA ILE A 286 38.26 2.56 4.02
C ILE A 286 37.21 2.95 5.05
N THR A 287 36.07 2.25 4.99
CA THR A 287 35.08 2.29 6.03
C THR A 287 35.07 0.88 6.65
N THR A 288 35.08 0.81 8.00
CA THR A 288 34.99 -0.47 8.70
C THR A 288 33.58 -0.78 9.14
N LYS A 289 33.31 -2.07 9.28
CA LYS A 289 32.06 -2.57 9.80
C LYS A 289 31.87 -2.14 11.24
N GLU A 290 32.97 -2.16 11.98
CA GLU A 290 33.00 -1.82 13.41
C GLU A 290 32.60 -0.37 13.68
N GLU A 291 33.05 0.55 12.84
CA GLU A 291 32.67 1.97 13.02
C GLU A 291 31.18 2.23 12.73
N LEU A 292 30.55 1.34 11.93
CA LEU A 292 29.11 1.40 11.68
C LEU A 292 28.30 0.55 12.65
N ASP A 293 28.98 -0.29 13.44
CA ASP A 293 28.29 -1.34 14.22
C ASP A 293 27.55 -2.31 13.31
N TRP A 294 28.17 -2.66 12.19
CA TRP A 294 27.58 -3.59 11.27
C TRP A 294 28.20 -4.94 11.54
N THR A 295 27.81 -5.52 12.67
CA THR A 295 28.52 -6.67 13.23
C THR A 295 27.55 -7.85 13.41
N LYS A 296 28.06 -8.99 13.83
CA LYS A 296 27.22 -10.14 14.13
C LYS A 296 26.20 -9.80 15.23
N SER A 297 26.62 -9.06 16.26
CA SER A 297 25.68 -8.53 17.25
C SER A 297 24.53 -7.68 16.71
N ALA A 298 24.81 -6.81 15.75
CA ALA A 298 23.76 -6.01 15.10
C ALA A 298 22.78 -6.88 14.32
N GLU A 299 23.26 -7.95 13.70
CA GLU A 299 22.39 -8.90 13.00
C GLU A 299 21.32 -9.52 13.89
N ASP A 300 21.64 -9.76 15.17
CA ASP A 300 20.64 -10.22 16.14
C ASP A 300 19.55 -9.16 16.36
N PHE A 301 19.90 -7.89 16.27
CA PHE A 301 18.90 -6.83 16.52
C PHE A 301 18.28 -6.23 15.27
N ALA A 302 18.97 -6.36 14.15
CA ALA A 302 18.64 -5.66 12.90
C ALA A 302 17.62 -6.38 12.03
N ARG A 303 16.48 -5.73 11.82
CA ARG A 303 15.37 -6.27 11.04
C ARG A 303 14.82 -5.17 10.12
N MET A 304 14.82 -5.46 8.83
CA MET A 304 14.31 -4.51 7.82
C MET A 304 13.13 -5.14 7.10
N ASN A 305 12.04 -4.39 7.02
CA ASN A 305 10.79 -4.88 6.44
C ASN A 305 10.40 -6.26 6.98
N GLY A 306 10.46 -6.42 8.30
CA GLY A 306 10.02 -7.65 8.96
C GLY A 306 10.92 -8.87 8.81
N GLU A 307 12.14 -8.67 8.32
CA GLU A 307 13.11 -9.77 8.16
C GLU A 307 14.56 -9.38 8.51
N LYS A 308 15.39 -10.39 8.75
CA LYS A 308 16.78 -10.19 9.18
C LYS A 308 17.58 -9.44 8.12
N VAL A 309 18.36 -8.48 8.57
CA VAL A 309 19.33 -7.85 7.72
C VAL A 309 20.62 -8.58 8.05
N HIS A 310 21.40 -8.83 7.02
CA HIS A 310 22.66 -9.48 7.11
C HIS A 310 23.75 -8.47 6.90
N TYR A 311 24.90 -8.71 7.53
CA TYR A 311 26.05 -7.86 7.36
C TYR A 311 27.28 -8.63 6.91
N GLN A 312 27.04 -9.59 6.01
CA GLN A 312 28.10 -10.41 5.43
C GLN A 312 28.80 -9.65 4.29
N TRP A 313 28.00 -8.96 3.47
CA TRP A 313 28.53 -8.13 2.40
C TRP A 313 27.98 -6.76 2.70
N CYS A 314 28.87 -5.83 3.03
CA CYS A 314 28.40 -4.51 3.46
C CYS A 314 28.54 -3.45 2.39
N ILE A 315 27.41 -2.79 2.06
CA ILE A 315 27.37 -1.72 1.06
C ILE A 315 26.53 -0.63 1.68
N GLU A 316 27.18 0.45 2.07
CA GLU A 316 26.50 1.51 2.82
C GLU A 316 25.74 2.43 1.87
N ASP A 317 24.51 2.74 2.19
CA ASP A 317 23.78 3.67 1.34
C ASP A 317 24.25 5.10 1.64
N PRO A 318 24.54 5.91 0.59
CA PRO A 318 25.06 7.27 0.87
C PRO A 318 24.10 8.25 1.57
N TYR A 319 22.78 8.00 1.48
CA TYR A 319 21.73 8.90 2.00
C TYR A 319 20.77 8.35 3.08
N GLU A 320 20.37 7.08 2.98
CA GLU A 320 19.42 6.53 3.96
C GLU A 320 20.16 6.07 5.21
N LEU A 321 19.70 6.45 6.39
CA LEU A 321 20.44 6.08 7.62
C LEU A 321 20.47 4.58 7.87
N ASN A 322 21.67 4.04 8.09
CA ASN A 322 21.84 2.66 8.53
C ASN A 322 21.26 1.61 7.56
N LEU A 323 21.35 1.87 6.26
CA LEU A 323 20.85 0.95 5.22
C LEU A 323 22.00 0.18 4.59
N ASN A 324 22.06 -1.11 4.87
CA ASN A 324 22.96 -1.97 4.14
C ASN A 324 22.28 -2.37 2.85
N VAL A 325 22.85 -1.92 1.73
CA VAL A 325 22.39 -2.32 0.41
C VAL A 325 22.67 -3.82 0.18
N GLY A 326 23.65 -4.38 0.90
CA GLY A 326 23.89 -5.82 0.87
C GLY A 326 23.18 -6.60 1.98
N ARG A 327 22.06 -6.06 2.48
CA ARG A 327 21.37 -6.62 3.65
C ARG A 327 20.80 -8.03 3.43
N ASN A 328 20.57 -8.39 2.15
CA ASN A 328 20.03 -9.73 1.78
C ASN A 328 21.07 -10.73 1.38
N VAL A 329 22.33 -10.34 1.48
CA VAL A 329 23.43 -11.23 1.16
C VAL A 329 23.74 -12.05 2.42
N THR A 330 23.13 -13.23 2.46
CA THR A 330 23.30 -14.23 3.52
C THR A 330 24.67 -14.88 3.34
N PRO A 331 25.14 -15.65 4.36
CA PRO A 331 26.41 -16.34 4.16
C PRO A 331 26.48 -17.15 2.86
N LEU A 332 25.35 -17.73 2.45
CA LEU A 332 25.28 -18.54 1.24
C LEU A 332 25.43 -17.70 -0.03
N LYS A 333 24.68 -16.61 -0.11
CA LYS A 333 24.72 -15.72 -1.27
C LYS A 333 26.08 -15.03 -1.41
N ARG A 334 26.72 -14.82 -0.28
CA ARG A 334 28.12 -14.38 -0.22
C ARG A 334 29.08 -15.41 -0.86
N ASP A 335 28.94 -16.69 -0.45
CA ASP A 335 29.53 -17.86 -1.15
C ASP A 335 29.35 -17.78 -2.67
N PHE A 336 28.10 -17.64 -3.10
CA PHE A 336 27.74 -17.64 -4.52
C PHE A 336 28.39 -16.51 -5.30
N LEU A 337 28.59 -15.38 -4.62
CA LEU A 337 29.19 -14.18 -5.20
C LEU A 337 30.67 -14.38 -5.41
N ARG A 338 31.37 -14.86 -4.38
CA ARG A 338 32.77 -15.21 -4.53
C ARG A 338 33.00 -16.17 -5.71
N ARG A 339 32.20 -17.23 -5.75
CA ARG A 339 32.23 -18.25 -6.81
C ARG A 339 32.09 -17.59 -8.19
N HIS A 340 31.05 -16.77 -8.36
CA HIS A 340 30.86 -16.06 -9.63
C HIS A 340 31.96 -15.08 -9.96
N LEU A 341 32.45 -14.33 -8.97
CA LEU A 341 33.59 -13.44 -9.19
C LEU A 341 34.81 -14.20 -9.72
N GLU A 342 35.03 -15.40 -9.18
CA GLU A 342 36.04 -16.33 -9.69
C GLU A 342 35.75 -16.81 -11.12
N LYS A 343 34.57 -17.38 -11.33
CA LYS A 343 34.12 -17.83 -12.66
C LYS A 343 34.13 -16.73 -13.74
N ALA A 344 33.95 -15.47 -13.31
CA ALA A 344 33.84 -14.33 -14.23
C ALA A 344 35.15 -14.04 -14.96
N ARG A 345 36.27 -14.29 -14.27
CA ARG A 345 37.60 -14.09 -14.83
C ARG A 345 37.84 -14.93 -16.09
N ASP A 346 37.42 -16.20 -16.04
CA ASP A 346 37.77 -17.17 -17.07
C ASP A 346 36.81 -17.12 -18.26
N THR A 347 35.62 -16.55 -18.04
CA THR A 347 34.58 -16.43 -19.07
C THR A 347 34.35 -15.00 -19.59
N ALA A 348 35.23 -14.07 -19.22
CA ALA A 348 35.06 -12.65 -19.54
C ALA A 348 33.64 -12.18 -19.22
N LEU A 349 33.24 -12.34 -17.96
CA LEU A 349 31.87 -12.06 -17.48
C LEU A 349 30.80 -12.80 -18.28
N LEU A 350 30.97 -14.12 -18.43
CA LEU A 350 30.03 -14.97 -19.20
C LEU A 350 29.92 -14.56 -20.67
N THR A 351 31.04 -14.21 -21.28
CA THR A 351 31.07 -13.77 -22.70
C THR A 351 31.82 -14.77 -23.58
N ILE A 352 32.93 -15.31 -23.06
CA ILE A 352 33.64 -16.41 -23.71
C ILE A 352 32.86 -17.70 -23.46
N VAL A 353 31.80 -17.87 -24.25
CA VAL A 353 31.07 -19.12 -24.35
C VAL A 353 30.62 -19.31 -25.81
N PRO B 23 -35.12 5.14 -16.13
CA PRO B 23 -35.18 5.62 -14.74
C PRO B 23 -33.98 6.52 -14.39
N SER B 24 -34.21 7.83 -14.43
CA SER B 24 -33.16 8.85 -14.32
C SER B 24 -32.68 9.06 -12.88
N PRO B 25 -31.48 9.68 -12.69
CA PRO B 25 -31.02 10.07 -11.36
C PRO B 25 -32.01 10.96 -10.59
N ALA B 26 -32.69 11.88 -11.29
CA ALA B 26 -33.66 12.78 -10.66
C ALA B 26 -34.91 12.04 -10.20
N VAL B 27 -35.39 11.13 -11.05
CA VAL B 27 -36.56 10.32 -10.77
C VAL B 27 -36.28 9.35 -9.62
N VAL B 28 -35.08 8.76 -9.62
CA VAL B 28 -34.64 7.89 -8.53
C VAL B 28 -34.53 8.67 -7.22
N GLY B 29 -33.86 9.83 -7.27
CA GLY B 29 -33.69 10.69 -6.10
C GLY B 29 -34.97 11.23 -5.49
N ARG B 30 -35.84 11.77 -6.34
CA ARG B 30 -37.17 12.21 -5.92
C ARG B 30 -37.92 11.09 -5.18
N SER B 31 -37.80 9.86 -5.71
CA SER B 31 -38.48 8.70 -5.16
C SER B 31 -37.95 8.32 -3.77
N LEU B 32 -36.63 8.33 -3.64
CA LEU B 32 -35.97 8.01 -2.36
C LEU B 32 -36.26 9.06 -1.27
N VAL B 33 -36.25 10.33 -1.62
CA VAL B 33 -36.63 11.40 -0.68
C VAL B 33 -38.06 11.19 -0.14
N ASN B 34 -38.99 10.88 -1.05
CA ASN B 34 -40.40 10.63 -0.69
C ASN B 34 -40.60 9.35 0.11
N SER B 35 -39.78 8.34 -0.17
CA SER B 35 -39.83 7.07 0.57
C SER B 35 -39.39 7.22 2.02
N PHE B 36 -38.66 8.29 2.32
CA PHE B 36 -38.13 8.53 3.67
C PHE B 36 -38.95 9.51 4.51
N LYS B 37 -40.10 9.95 4.00
CA LYS B 37 -40.92 10.97 4.66
C LYS B 37 -41.28 10.68 6.14
N GLN B 38 -41.65 9.44 6.43
CA GLN B 38 -41.90 8.97 7.80
C GLN B 38 -40.65 9.10 8.68
N PHE B 39 -39.49 8.80 8.11
CA PHE B 39 -38.21 8.82 8.82
C PHE B 39 -37.71 10.26 9.03
N VAL B 40 -37.68 11.04 7.96
CA VAL B 40 -37.28 12.46 7.99
C VAL B 40 -37.95 13.19 9.15
N SER B 41 -39.28 13.02 9.24
CA SER B 41 -40.12 13.74 10.17
C SER B 41 -39.93 13.36 11.64
N LYS B 42 -38.97 12.47 11.90
CA LYS B 42 -38.69 12.02 13.27
C LYS B 42 -37.48 12.74 13.86
N ASP B 43 -37.45 12.83 15.19
CA ASP B 43 -36.29 13.35 15.90
C ASP B 43 -35.27 12.23 16.10
N LEU B 44 -34.11 12.36 15.48
CA LEU B 44 -33.08 11.32 15.50
C LEU B 44 -31.99 11.58 16.55
N HIS B 45 -32.35 12.30 17.61
CA HIS B 45 -31.38 12.65 18.64
C HIS B 45 -30.94 11.42 19.45
N THR B 46 -29.73 11.53 20.00
CA THR B 46 -29.11 10.43 20.74
C THR B 46 -29.27 10.58 22.27
N ARG B 47 -30.15 11.50 22.67
CA ARG B 47 -30.42 11.80 24.09
C ARG B 47 -30.79 10.58 24.93
N HIS B 48 -31.64 9.71 24.37
CA HIS B 48 -32.09 8.49 25.05
C HIS B 48 -30.99 7.43 25.20
N VAL B 49 -30.11 7.36 24.21
CA VAL B 49 -28.93 6.50 24.25
C VAL B 49 -27.94 6.99 25.33
N ASP B 50 -27.82 8.32 25.48
CA ASP B 50 -26.99 8.93 26.54
C ASP B 50 -27.48 8.57 27.95
N ALA B 51 -28.78 8.67 28.17
CA ALA B 51 -29.41 8.33 29.44
C ALA B 51 -29.23 6.86 29.75
N THR B 52 -29.28 6.03 28.71
CA THR B 52 -29.03 4.59 28.83
C THR B 52 -27.58 4.36 29.23
N TYR B 53 -26.66 5.05 28.55
CA TYR B 53 -25.23 4.94 28.79
C TYR B 53 -24.82 5.26 30.24
N ARG B 54 -25.47 6.28 30.82
CA ARG B 54 -25.17 6.70 32.20
C ARG B 54 -25.77 5.74 33.23
N LEU B 55 -26.92 5.16 32.91
CA LEU B 55 -27.55 4.07 33.68
C LEU B 55 -26.72 2.77 33.67
N VAL B 56 -26.17 2.43 32.51
CA VAL B 56 -25.32 1.26 32.36
C VAL B 56 -23.93 1.51 32.98
N LEU B 57 -23.50 2.77 33.00
CA LEU B 57 -22.18 3.14 33.57
C LEU B 57 -22.08 2.88 35.08
N ASP B 58 -23.20 3.04 35.79
CA ASP B 58 -23.30 2.76 37.23
C ASP B 58 -23.16 1.28 37.55
N CYS B 59 -23.67 0.42 36.67
CA CYS B 59 -23.60 -1.03 36.82
C CYS B 59 -22.19 -1.57 36.58
N VAL B 60 -21.43 -0.88 35.72
CA VAL B 60 -20.03 -1.20 35.44
C VAL B 60 -19.13 -0.70 36.58
N ALA B 61 -19.42 0.50 37.07
CA ALA B 61 -18.68 1.11 38.18
C ALA B 61 -18.83 0.35 39.50
N ALA B 62 -19.89 -0.47 39.59
CA ALA B 62 -20.08 -1.38 40.71
C ALA B 62 -19.11 -2.55 40.61
N VAL B 63 -18.71 -2.87 39.37
CA VAL B 63 -17.73 -3.92 39.10
C VAL B 63 -16.35 -3.27 38.77
N ASP B 64 -16.12 -2.08 39.32
CA ASP B 64 -14.85 -1.38 39.19
C ASP B 64 -14.53 -0.57 40.44
N MET B 67 -12.43 -0.18 34.95
CA MET B 67 -13.22 -0.78 33.88
C MET B 67 -14.18 0.24 33.23
N ARG B 68 -14.26 0.19 31.90
CA ARG B 68 -14.87 1.27 31.11
C ARG B 68 -15.91 0.82 30.09
N LEU B 69 -16.79 1.74 29.71
CA LEU B 69 -17.92 1.43 28.84
C LEU B 69 -17.89 2.27 27.54
N TYR B 70 -18.24 1.62 26.43
CA TYR B 70 -18.20 2.24 25.10
C TYR B 70 -19.47 1.93 24.30
N THR B 71 -19.97 2.93 23.58
CA THR B 71 -21.04 2.70 22.61
C THR B 71 -20.40 2.37 21.26
N PHE B 72 -21.08 1.54 20.47
CA PHE B 72 -20.68 1.28 19.10
C PHE B 72 -21.89 0.87 18.29
N GLY B 73 -21.69 0.59 17.01
CA GLY B 73 -22.76 0.22 16.10
C GLY B 73 -23.36 1.43 15.40
N SER B 74 -24.53 1.18 14.81
CA SER B 74 -25.27 2.14 14.00
C SER B 74 -25.38 3.57 14.56
N THR B 75 -25.56 3.71 15.87
CA THR B 75 -25.73 5.02 16.52
C THR B 75 -24.41 5.79 16.51
N VAL B 76 -23.30 5.07 16.66
CA VAL B 76 -22.01 5.73 16.57
C VAL B 76 -21.74 6.11 15.13
N VAL B 77 -21.90 5.16 14.21
CA VAL B 77 -21.61 5.33 12.79
C VAL B 77 -22.31 6.55 12.23
N TYR B 78 -23.60 6.69 12.54
CA TYR B 78 -24.42 7.76 11.95
C TYR B 78 -24.54 9.05 12.76
N GLY B 79 -24.35 8.96 14.07
CA GLY B 79 -24.59 10.08 14.97
C GLY B 79 -26.07 10.35 15.17
N VAL B 80 -26.90 9.35 14.89
CA VAL B 80 -28.36 9.42 15.05
C VAL B 80 -28.92 8.15 15.72
N HIS B 81 -30.10 8.27 16.33
CA HIS B 81 -30.80 7.10 16.84
C HIS B 81 -32.26 7.01 16.37
N GLU B 82 -32.58 5.90 15.70
CA GLU B 82 -33.95 5.56 15.30
C GLU B 82 -34.76 5.12 16.54
N LYS B 83 -35.93 5.74 16.72
CA LYS B 83 -36.69 5.72 17.98
C LYS B 83 -36.80 4.39 18.73
N GLY B 84 -36.86 3.27 18.01
CA GLY B 84 -37.02 1.96 18.65
C GLY B 84 -36.03 0.87 18.27
N SER B 85 -34.98 1.23 17.55
CA SER B 85 -33.91 0.27 17.19
C SER B 85 -32.95 -0.02 18.36
N ASP B 86 -32.13 -1.04 18.18
CA ASP B 86 -31.16 -1.49 19.18
C ASP B 86 -29.94 -0.54 19.27
N VAL B 87 -29.35 -0.46 20.46
CA VAL B 87 -28.04 0.18 20.63
C VAL B 87 -27.05 -0.85 21.21
N ASP B 88 -25.75 -0.64 20.96
CA ASP B 88 -24.71 -1.57 21.37
C ASP B 88 -23.75 -0.92 22.36
N PHE B 89 -23.49 -1.64 23.45
CA PHE B 89 -22.48 -1.23 24.41
C PHE B 89 -21.45 -2.35 24.49
N VAL B 90 -20.22 -1.98 24.87
CA VAL B 90 -19.20 -2.97 25.19
C VAL B 90 -18.40 -2.53 26.41
N VAL B 91 -18.25 -3.43 27.38
CA VAL B 91 -17.39 -3.20 28.52
C VAL B 91 -15.97 -3.66 28.18
N LEU B 92 -14.98 -2.84 28.50
CA LEU B 92 -13.58 -3.13 28.20
C LEU B 92 -12.71 -3.05 29.44
N VAL B 109 -10.46 -19.43 26.33
CA VAL B 109 -9.16 -18.86 26.67
C VAL B 109 -9.33 -17.39 27.05
N ALA B 110 -10.10 -16.66 26.24
CA ALA B 110 -10.50 -15.29 26.54
C ALA B 110 -12.02 -15.18 26.39
N LYS B 111 -12.57 -16.06 25.54
CA LYS B 111 -14.02 -16.19 25.28
C LYS B 111 -14.76 -16.78 26.46
N GLY B 112 -14.03 -17.49 27.32
CA GLY B 112 -14.57 -18.01 28.57
C GLY B 112 -14.77 -16.91 29.58
N LEU B 113 -13.71 -16.14 29.84
CA LEU B 113 -13.71 -15.04 30.81
C LEU B 113 -14.71 -13.94 30.44
N GLN B 114 -15.04 -13.87 29.16
CA GLN B 114 -15.99 -12.89 28.63
C GLN B 114 -17.38 -13.16 29.17
N ALA B 115 -17.77 -14.43 29.19
CA ALA B 115 -19.07 -14.85 29.73
C ALA B 115 -19.10 -14.79 31.26
N ASP B 116 -17.94 -14.57 31.87
CA ASP B 116 -17.82 -14.48 33.33
C ASP B 116 -18.18 -13.10 33.87
N ILE B 117 -17.69 -12.05 33.20
CA ILE B 117 -18.01 -10.68 33.62
C ILE B 117 -19.36 -10.20 33.06
N LEU B 118 -19.96 -11.01 32.20
CA LEU B 118 -21.33 -10.76 31.74
C LEU B 118 -22.32 -11.53 32.61
N ALA B 119 -21.82 -12.07 33.71
CA ALA B 119 -22.64 -12.69 34.74
C ALA B 119 -22.68 -11.78 35.96
N LYS B 120 -21.52 -11.21 36.31
CA LYS B 120 -21.42 -10.28 37.44
C LYS B 120 -21.57 -8.81 37.01
N LEU B 121 -22.10 -8.61 35.81
CA LEU B 121 -22.61 -7.32 35.38
C LEU B 121 -24.12 -7.40 35.20
N ALA B 122 -24.57 -8.54 34.67
CA ALA B 122 -26.00 -8.86 34.57
C ALA B 122 -26.66 -9.01 35.95
N ARG B 123 -25.86 -9.44 36.93
CA ARG B 123 -26.28 -9.54 38.32
C ARG B 123 -26.42 -8.16 38.97
N VAL B 124 -25.76 -7.16 38.38
CA VAL B 124 -25.80 -5.79 38.88
C VAL B 124 -26.89 -4.94 38.21
N ILE B 125 -27.20 -5.22 36.94
CA ILE B 125 -28.29 -4.51 36.25
C ILE B 125 -29.67 -5.01 36.72
N ARG B 126 -29.72 -6.30 37.10
CA ARG B 126 -30.90 -6.89 37.74
C ARG B 126 -31.09 -6.30 39.14
N GLN B 127 -29.97 -6.18 39.86
CA GLN B 127 -29.93 -5.60 41.20
C GLN B 127 -30.53 -4.19 41.19
N LYS B 128 -29.92 -3.30 40.42
CA LYS B 128 -30.27 -1.88 40.42
C LYS B 128 -31.57 -1.56 39.69
N HIS B 129 -31.85 -2.27 38.61
CA HIS B 129 -33.03 -2.01 37.80
C HIS B 129 -33.94 -3.24 37.75
N LEU B 130 -34.81 -3.33 38.75
CA LEU B 130 -35.63 -4.51 39.03
C LEU B 130 -36.79 -4.76 38.05
N SER B 131 -37.26 -3.69 37.41
CA SER B 131 -38.30 -3.81 36.39
C SER B 131 -37.75 -4.39 35.07
N TRP B 132 -36.51 -3.99 34.74
CA TRP B 132 -35.84 -4.37 33.49
C TRP B 132 -35.82 -5.87 33.22
N ASN B 133 -35.91 -6.22 31.94
CA ASN B 133 -35.74 -7.60 31.48
C ASN B 133 -34.32 -7.80 30.95
N VAL B 134 -33.48 -8.43 31.76
CA VAL B 134 -32.08 -8.69 31.39
C VAL B 134 -31.84 -10.18 31.09
N GLU B 135 -31.78 -10.49 29.81
CA GLU B 135 -31.50 -11.85 29.35
C GLU B 135 -30.00 -12.11 29.34
N GLU B 136 -29.62 -13.39 29.44
CA GLU B 136 -28.22 -13.78 29.53
C GLU B 136 -27.99 -15.04 28.68
N VAL B 137 -27.79 -14.82 27.38
CA VAL B 137 -27.70 -15.91 26.39
C VAL B 137 -26.37 -16.64 26.48
N VAL B 142 -20.33 -15.82 20.83
CA VAL B 142 -20.13 -14.45 21.33
C VAL B 142 -21.02 -14.21 22.56
N PRO B 143 -20.40 -14.16 23.76
CA PRO B 143 -21.14 -13.85 25.00
C PRO B 143 -21.72 -12.43 24.99
N VAL B 144 -23.04 -12.34 25.23
CA VAL B 144 -23.78 -11.07 25.20
C VAL B 144 -25.00 -11.09 26.14
N VAL B 145 -25.31 -9.93 26.72
CA VAL B 145 -26.46 -9.77 27.61
C VAL B 145 -27.47 -8.78 26.99
N ARG B 146 -28.62 -9.31 26.61
CA ARG B 146 -29.68 -8.54 25.96
C ARG B 146 -30.60 -7.91 26.99
N VAL B 147 -30.76 -6.59 26.95
CA VAL B 147 -31.49 -5.87 28.00
C VAL B 147 -32.61 -4.97 27.46
N LYS B 148 -33.80 -5.11 28.06
CA LYS B 148 -34.96 -4.27 27.76
C LYS B 148 -35.60 -3.76 29.06
N GLY B 149 -36.15 -2.55 29.00
CA GLY B 149 -36.81 -1.95 30.17
C GLY B 149 -37.36 -0.55 29.97
N GLY B 150 -38.01 -0.02 31.00
CA GLY B 150 -38.55 1.33 30.99
C GLY B 150 -37.50 2.33 31.43
N GLY B 151 -37.34 3.40 30.66
CA GLY B 151 -36.31 4.40 30.94
C GLY B 151 -34.98 4.12 30.25
N ALA B 152 -34.97 3.07 29.42
CA ALA B 152 -33.79 2.71 28.63
C ALA B 152 -34.17 2.27 27.22
N VAL B 153 -33.27 2.50 26.27
CA VAL B 153 -33.41 1.93 24.93
C VAL B 153 -33.06 0.43 25.00
N ASP B 154 -33.60 -0.37 24.08
CA ASP B 154 -33.23 -1.78 24.01
C ASP B 154 -31.78 -1.91 23.55
N PHE B 155 -30.96 -2.60 24.36
CA PHE B 155 -29.53 -2.69 24.08
C PHE B 155 -28.87 -4.07 24.28
N ASP B 156 -27.73 -4.27 23.60
CA ASP B 156 -26.88 -5.44 23.80
C ASP B 156 -25.58 -5.04 24.50
N ILE B 157 -25.20 -5.83 25.50
CA ILE B 157 -23.97 -5.54 26.22
C ILE B 157 -22.99 -6.71 26.08
N THR B 158 -21.79 -6.39 25.60
CA THR B 158 -20.74 -7.38 25.38
C THR B 158 -19.45 -6.95 26.07
N ALA B 159 -18.48 -7.87 26.16
CA ALA B 159 -17.26 -7.61 26.92
C ALA B 159 -15.97 -7.75 26.12
N TYR B 160 -14.98 -6.91 26.47
CA TYR B 160 -13.57 -7.10 26.08
C TYR B 160 -13.25 -7.11 24.58
N ARG B 161 -14.24 -6.74 23.75
CA ARG B 161 -14.07 -6.66 22.31
C ARG B 161 -13.85 -5.21 21.90
N ARG B 162 -12.74 -4.96 21.22
CA ARG B 162 -12.29 -3.61 20.89
C ARG B 162 -12.68 -3.20 19.46
N ASN B 163 -12.86 -4.20 18.61
CA ASN B 163 -13.00 -3.97 17.17
C ASN B 163 -14.32 -3.30 16.80
N GLY B 164 -15.37 -3.60 17.56
CA GLY B 164 -16.67 -2.99 17.38
C GLY B 164 -16.64 -1.48 17.58
N VAL B 165 -16.00 -1.03 18.67
CA VAL B 165 -15.84 0.39 18.89
C VAL B 165 -14.85 0.97 17.89
N ARG B 166 -13.88 0.16 17.47
CA ARG B 166 -12.84 0.64 16.57
C ARG B 166 -13.38 0.85 15.14
N ASN B 167 -14.07 -0.15 14.60
CA ASN B 167 -14.66 0.03 13.27
C ASN B 167 -15.87 0.96 13.21
N SER B 168 -16.62 1.08 14.30
CA SER B 168 -17.69 2.10 14.39
C SER B 168 -17.12 3.50 14.34
N ALA B 169 -16.02 3.72 15.06
CA ALA B 169 -15.31 5.00 15.07
C ALA B 169 -14.72 5.32 13.71
N LEU B 170 -14.21 4.30 13.03
CA LEU B 170 -13.68 4.48 11.68
C LEU B 170 -14.79 4.93 10.72
N LEU B 171 -15.91 4.22 10.72
CA LEU B 171 -17.02 4.57 9.80
C LEU B 171 -17.60 5.93 10.14
N ARG B 172 -17.68 6.25 11.43
CA ARG B 172 -18.09 7.59 11.85
C ARG B 172 -17.21 8.69 11.26
N ALA B 173 -15.89 8.50 11.29
CA ALA B 173 -14.97 9.49 10.74
C ALA B 173 -15.24 9.77 9.27
N TYR B 174 -15.49 8.72 8.51
CA TYR B 174 -15.80 8.85 7.08
C TYR B 174 -17.04 9.68 6.82
N PHE B 175 -18.11 9.39 7.56
CA PHE B 175 -19.36 10.16 7.44
C PHE B 175 -19.27 11.56 8.03
N GLU B 176 -18.35 11.79 8.97
CA GLU B 176 -18.08 13.17 9.42
C GLU B 176 -17.45 14.00 8.33
N GLN B 177 -16.60 13.38 7.50
CA GLN B 177 -16.01 14.06 6.34
C GLN B 177 -17.08 14.52 5.35
N ASN B 178 -18.19 13.81 5.28
CA ASN B 178 -19.24 14.08 4.28
C ASN B 178 -20.60 13.58 4.78
N PRO B 179 -21.20 14.30 5.76
CA PRO B 179 -22.44 13.85 6.41
C PRO B 179 -23.62 13.48 5.49
N PRO B 180 -23.86 14.22 4.37
CA PRO B 180 -24.97 13.80 3.47
C PRO B 180 -24.80 12.40 2.87
N CYS B 181 -23.58 11.87 2.89
CA CYS B 181 -23.32 10.50 2.39
C CYS B 181 -23.98 9.40 3.22
N ARG B 182 -24.42 9.74 4.43
CA ARG B 182 -25.13 8.79 5.28
C ARG B 182 -26.40 8.29 4.60
N TRP B 183 -27.02 9.14 3.78
CA TRP B 183 -28.25 8.83 3.03
C TRP B 183 -28.13 7.65 2.05
N LEU B 184 -27.04 7.61 1.30
CA LEU B 184 -26.70 6.48 0.44
C LEU B 184 -26.57 5.20 1.24
N SER B 185 -25.81 5.30 2.33
CA SER B 185 -25.60 4.20 3.24
C SER B 185 -26.92 3.68 3.81
N MET B 186 -27.75 4.58 4.33
CA MET B 186 -29.09 4.22 4.84
C MET B 186 -30.02 3.68 3.75
N SER B 187 -29.94 4.25 2.55
CA SER B 187 -30.70 3.75 1.41
C SER B 187 -30.35 2.31 1.10
N ILE B 188 -29.04 2.03 1.03
CA ILE B 188 -28.53 0.70 0.72
C ILE B 188 -28.90 -0.29 1.83
N LYS B 189 -28.80 0.14 3.08
CA LYS B 189 -29.11 -0.71 4.24
C LYS B 189 -30.59 -1.11 4.31
N ARG B 190 -31.50 -0.16 4.11
CA ARG B 190 -32.93 -0.49 4.06
C ARG B 190 -33.19 -1.45 2.89
N TRP B 191 -32.62 -1.13 1.72
CA TRP B 191 -32.72 -1.98 0.53
C TRP B 191 -32.24 -3.40 0.76
N SER B 192 -31.11 -3.56 1.45
CA SER B 192 -30.48 -4.86 1.63
C SER B 192 -31.34 -5.79 2.50
N LYS B 193 -32.09 -5.21 3.42
CA LYS B 193 -32.97 -5.98 4.28
C LYS B 193 -34.21 -6.44 3.48
N GLN B 194 -34.79 -5.51 2.72
CA GLN B 194 -35.96 -5.73 1.86
C GLN B 194 -35.75 -6.79 0.78
N THR B 195 -34.54 -6.84 0.23
CA THR B 195 -34.15 -7.82 -0.78
C THR B 195 -33.82 -9.17 -0.19
N GLY B 196 -33.67 -9.25 1.13
CA GLY B 196 -33.23 -10.48 1.78
C GLY B 196 -31.73 -10.74 1.69
N LEU B 197 -30.98 -9.74 1.23
CA LEU B 197 -29.51 -9.85 1.14
C LEU B 197 -28.81 -9.64 2.48
N ASN B 198 -29.36 -8.72 3.27
CA ASN B 198 -28.80 -8.44 4.59
C ASN B 198 -28.82 -9.70 5.45
N ALA B 199 -27.71 -9.96 6.13
CA ALA B 199 -27.55 -11.15 6.97
C ALA B 199 -28.55 -11.23 8.15
N SER B 200 -29.14 -10.08 8.50
CA SER B 200 -30.21 -10.00 9.53
C SER B 200 -31.48 -10.74 9.11
N VAL B 201 -31.54 -11.08 7.82
CA VAL B 201 -32.66 -11.79 7.23
C VAL B 201 -32.18 -13.21 6.93
N ILE B 202 -33.03 -14.20 7.20
CA ILE B 202 -32.75 -15.60 6.91
C ILE B 202 -32.40 -15.79 5.43
N GLY B 203 -31.30 -16.48 5.17
CA GLY B 203 -30.76 -16.64 3.81
C GLY B 203 -29.86 -15.49 3.39
N GLY B 204 -29.78 -14.46 4.23
CA GLY B 204 -28.95 -13.27 3.97
C GLY B 204 -27.47 -13.55 4.10
N SER B 205 -26.68 -12.84 3.30
CA SER B 205 -25.26 -13.17 3.12
C SER B 205 -24.25 -12.13 3.64
N ILE B 206 -24.69 -10.86 3.74
CA ILE B 206 -23.82 -9.73 4.12
C ILE B 206 -24.51 -8.86 5.16
N THR B 207 -23.83 -8.64 6.28
CA THR B 207 -24.32 -7.74 7.32
C THR B 207 -24.50 -6.30 6.82
N SER B 208 -25.19 -5.48 7.61
CA SER B 208 -25.27 -4.05 7.36
C SER B 208 -23.85 -3.48 7.35
N TYR B 209 -23.05 -3.96 8.29
CA TYR B 209 -21.64 -3.58 8.40
C TYR B 209 -20.86 -3.79 7.11
N GLY B 210 -21.07 -4.92 6.46
CA GLY B 210 -20.41 -5.26 5.19
C GLY B 210 -20.83 -4.35 4.06
N PHE B 211 -22.09 -3.95 4.08
CA PHE B 211 -22.61 -2.96 3.12
C PHE B 211 -22.02 -1.55 3.32
N ASN B 212 -21.82 -1.12 4.56
CA ASN B 212 -21.17 0.17 4.80
C ASN B 212 -19.75 0.18 4.28
N LEU B 213 -19.01 -0.91 4.53
CA LEU B 213 -17.68 -1.09 3.94
C LEU B 213 -17.73 -0.97 2.42
N MET B 214 -18.78 -1.53 1.81
CA MET B 214 -18.97 -1.38 0.37
C MET B 214 -19.25 0.07 0.02
N VAL B 215 -20.12 0.71 0.78
CA VAL B 215 -20.48 2.11 0.52
C VAL B 215 -19.22 3.00 0.60
N VAL B 216 -18.48 2.89 1.69
CA VAL B 216 -17.27 3.71 1.89
C VAL B 216 -16.24 3.44 0.82
N TYR B 217 -15.99 2.17 0.53
CA TYR B 217 -15.02 1.76 -0.47
C TYR B 217 -15.37 2.39 -1.83
N TYR B 218 -16.64 2.35 -2.19
CA TYR B 218 -17.11 2.99 -3.42
C TYR B 218 -16.90 4.52 -3.37
N LEU B 219 -17.27 5.13 -2.24
CA LEU B 219 -17.09 6.56 -2.05
C LEU B 219 -15.61 6.96 -2.09
N LEU B 220 -14.73 6.08 -1.61
CA LEU B 220 -13.28 6.30 -1.74
C LEU B 220 -12.86 6.33 -3.22
N GLN B 221 -13.35 5.37 -3.99
CA GLN B 221 -13.02 5.25 -5.41
C GLN B 221 -13.44 6.47 -6.20
N ARG B 222 -14.55 7.06 -5.83
CA ARG B 222 -15.08 8.24 -6.51
C ARG B 222 -14.58 9.53 -5.86
N ASN B 223 -13.58 9.40 -4.99
CA ASN B 223 -12.99 10.56 -4.32
C ASN B 223 -13.97 11.43 -3.53
N HIS B 224 -15.08 10.84 -3.08
CA HIS B 224 -16.05 11.56 -2.23
C HIS B 224 -15.63 11.49 -0.77
N LEU B 225 -14.62 10.67 -0.49
CA LEU B 225 -14.04 10.53 0.83
C LEU B 225 -12.53 10.46 0.70
N GLN B 226 -11.85 10.71 1.81
CA GLN B 226 -10.40 10.66 1.82
C GLN B 226 -9.99 9.51 2.71
N PHE B 227 -8.97 8.76 2.29
CA PHE B 227 -8.53 7.60 3.04
C PHE B 227 -8.13 7.90 4.49
N VAL B 228 -8.65 7.11 5.42
CA VAL B 228 -8.26 7.15 6.83
C VAL B 228 -7.64 5.82 7.22
N PRO B 229 -6.33 5.81 7.57
CA PRO B 229 -5.72 4.51 7.92
C PRO B 229 -6.38 3.89 9.16
N PRO B 230 -6.91 2.65 9.07
CA PRO B 230 -7.51 2.02 10.26
C PRO B 230 -6.62 2.02 11.54
N SER B 231 -5.32 1.73 11.39
CA SER B 231 -4.37 1.76 12.53
C SER B 231 -4.46 3.03 13.35
N THR B 232 -4.80 4.12 12.67
CA THR B 232 -4.92 5.47 13.22
C THR B 232 -6.09 5.70 14.23
N ILE B 233 -7.01 4.75 14.30
CA ILE B 233 -8.14 4.83 15.23
C ILE B 233 -7.73 4.22 16.58
N ASP B 234 -7.60 5.09 17.58
CA ASP B 234 -7.08 4.73 18.90
C ASP B 234 -8.21 4.66 19.93
N VAL B 235 -8.45 3.47 20.46
CA VAL B 235 -9.49 3.24 21.47
C VAL B 235 -9.34 4.10 22.73
N SER B 236 -8.11 4.54 23.01
CA SER B 236 -7.81 5.47 24.12
C SER B 236 -8.40 6.84 23.86
N ARG B 237 -8.45 7.24 22.60
CA ARG B 237 -8.89 8.58 22.20
C ARG B 237 -10.32 8.62 21.66
N VAL B 238 -10.89 7.47 21.32
CA VAL B 238 -12.27 7.43 20.79
C VAL B 238 -13.27 7.73 21.89
N GLU B 239 -14.26 8.54 21.55
CA GLU B 239 -15.33 8.89 22.47
C GLU B 239 -16.12 7.65 22.85
N PRO B 240 -16.38 7.47 24.15
CA PRO B 240 -17.23 6.35 24.57
C PRO B 240 -18.65 6.53 24.06
N LEU B 241 -19.06 7.80 23.94
CA LEU B 241 -20.41 8.15 23.57
C LEU B 241 -20.36 9.43 22.72
N PRO B 242 -20.10 9.27 21.40
CA PRO B 242 -20.00 10.45 20.53
C PRO B 242 -21.33 11.25 20.50
N PRO B 243 -21.25 12.55 20.18
CA PRO B 243 -22.46 13.38 20.12
C PRO B 243 -23.37 13.09 18.92
N HIS B 244 -24.49 13.82 18.88
CA HIS B 244 -25.47 13.73 17.80
C HIS B 244 -24.99 14.48 16.57
N LEU B 245 -25.05 13.81 15.43
CA LEU B 245 -24.77 14.46 14.15
C LEU B 245 -26.08 14.60 13.39
N PRO B 246 -26.66 15.83 13.38
CA PRO B 246 -27.97 16.06 12.78
C PRO B 246 -28.02 15.62 11.32
N LEU B 247 -29.13 15.00 10.93
CA LEU B 247 -29.32 14.52 9.57
C LEU B 247 -30.34 15.40 8.85
N GLU B 248 -29.85 16.33 8.04
CA GLU B 248 -30.67 17.20 7.21
C GLU B 248 -31.25 16.44 6.01
N GLU B 249 -32.47 16.79 5.59
CA GLU B 249 -33.04 16.21 4.35
C GLU B 249 -32.33 16.81 3.13
N PRO B 250 -32.06 15.97 2.10
CA PRO B 250 -31.41 16.45 0.88
C PRO B 250 -32.12 17.66 0.26
N ALA B 251 -31.38 18.76 0.10
CA ALA B 251 -31.91 19.99 -0.51
C ALA B 251 -31.96 19.87 -2.04
N ASP B 252 -31.44 18.75 -2.54
CA ASP B 252 -31.30 18.45 -3.96
C ASP B 252 -32.62 18.16 -4.67
N GLU B 253 -33.67 17.88 -3.91
CA GLU B 253 -34.83 17.15 -4.42
C GLU B 253 -34.40 15.68 -4.64
N GLY B 254 -33.36 15.27 -3.92
CA GLY B 254 -32.79 13.92 -3.99
C GLY B 254 -31.84 13.62 -5.14
N LEU B 255 -31.34 14.67 -5.79
CA LEU B 255 -30.57 14.51 -7.03
C LEU B 255 -29.17 13.91 -6.84
N GLU B 256 -28.41 14.43 -5.87
CA GLU B 256 -27.09 13.86 -5.50
C GLU B 256 -27.26 12.43 -4.99
N LEU B 257 -28.29 12.20 -4.18
CA LEU B 257 -28.60 10.85 -3.66
C LEU B 257 -28.91 9.88 -4.81
N GLY B 258 -29.78 10.30 -5.72
CA GLY B 258 -30.14 9.50 -6.90
C GLY B 258 -28.98 9.15 -7.81
N THR B 259 -28.11 10.13 -8.04
CA THR B 259 -26.87 9.93 -8.80
C THR B 259 -25.95 8.92 -8.12
N GLN B 260 -25.73 9.12 -6.81
CA GLN B 260 -24.89 8.24 -5.99
C GLN B 260 -25.37 6.79 -5.99
N VAL B 261 -26.69 6.60 -5.83
CA VAL B 261 -27.27 5.24 -5.78
C VAL B 261 -27.02 4.52 -7.10
N LEU B 262 -27.33 5.18 -8.21
CA LEU B 262 -27.16 4.59 -9.53
C LEU B 262 -25.69 4.30 -9.87
N ASP B 263 -24.81 5.21 -9.48
CA ASP B 263 -23.35 5.04 -9.69
C ASP B 263 -22.80 3.90 -8.86
N PHE B 264 -23.22 3.82 -7.59
CA PHE B 264 -22.92 2.69 -6.70
C PHE B 264 -23.31 1.32 -7.27
N LEU B 265 -24.53 1.20 -7.78
CA LEU B 265 -25.01 -0.09 -8.29
C LEU B 265 -24.21 -0.48 -9.52
N HIS B 266 -23.97 0.51 -10.39
CA HIS B 266 -23.14 0.36 -11.59
C HIS B 266 -21.73 -0.07 -11.22
N PHE B 267 -21.11 0.67 -10.31
CA PHE B 267 -19.79 0.33 -9.78
C PHE B 267 -19.72 -1.13 -9.36
N PHE B 268 -20.66 -1.57 -8.53
CA PHE B 268 -20.59 -2.96 -8.06
C PHE B 268 -20.96 -4.08 -9.04
N LEU B 269 -21.61 -3.70 -10.14
CA LEU B 269 -21.99 -4.65 -11.17
C LEU B 269 -20.95 -4.77 -12.25
N HIS B 270 -20.29 -3.65 -12.59
CA HIS B 270 -19.46 -3.59 -13.81
C HIS B 270 -18.02 -3.11 -13.65
N GLU B 271 -17.76 -2.31 -12.61
CA GLU B 271 -16.44 -1.77 -12.38
C GLU B 271 -15.68 -2.59 -11.36
N PHE B 272 -16.28 -2.80 -10.18
CA PHE B 272 -15.71 -3.74 -9.22
C PHE B 272 -15.59 -5.13 -9.86
N ASP B 273 -14.37 -5.66 -9.90
CA ASP B 273 -14.12 -7.00 -10.42
C ASP B 273 -14.00 -7.99 -9.27
N SER B 274 -15.07 -8.73 -9.02
CA SER B 274 -15.13 -9.69 -7.92
C SER B 274 -14.25 -10.90 -8.10
N ASP B 275 -13.80 -11.14 -9.33
CA ASP B 275 -12.87 -12.24 -9.63
C ASP B 275 -11.44 -11.94 -9.20
N LYS B 276 -11.07 -10.65 -9.15
CA LYS B 276 -9.68 -10.26 -8.87
C LYS B 276 -9.48 -9.21 -7.76
N GLN B 277 -10.55 -8.54 -7.34
CA GLN B 277 -10.40 -7.46 -6.34
C GLN B 277 -11.14 -7.67 -5.01
N VAL B 278 -10.66 -6.94 -4.00
CA VAL B 278 -11.22 -6.98 -2.65
C VAL B 278 -11.78 -5.60 -2.29
N ILE B 279 -13.03 -5.57 -1.81
CA ILE B 279 -13.56 -4.40 -1.12
C ILE B 279 -12.76 -4.24 0.19
N SER B 280 -12.03 -3.14 0.32
CA SER B 280 -11.12 -2.94 1.44
C SER B 280 -10.96 -1.50 1.87
N LEU B 281 -10.94 -1.31 3.20
CA LEU B 281 -10.58 -0.05 3.82
C LEU B 281 -9.20 -0.12 4.49
N ASN B 282 -8.48 -1.21 4.27
CA ASN B 282 -7.21 -1.43 4.97
C ASN B 282 -6.02 -0.61 4.43
N ARG B 283 -6.12 -0.25 3.15
CA ARG B 283 -5.07 0.33 2.30
C ARG B 283 -5.77 1.14 1.23
N PRO B 284 -5.19 2.29 0.81
CA PRO B 284 -5.79 3.00 -0.31
C PRO B 284 -5.55 2.30 -1.66
N GLY B 285 -6.38 2.62 -2.64
CA GLY B 285 -6.34 1.98 -3.94
C GLY B 285 -6.99 0.60 -4.01
N ILE B 286 -6.53 -0.18 -4.99
CA ILE B 286 -7.06 -1.51 -5.28
C ILE B 286 -6.25 -2.58 -4.52
N THR B 287 -6.99 -3.43 -3.81
CA THR B 287 -6.44 -4.63 -3.20
C THR B 287 -6.87 -5.83 -4.03
N THR B 288 -5.87 -6.63 -4.43
CA THR B 288 -6.13 -7.82 -5.22
C THR B 288 -6.39 -8.99 -4.31
N LYS B 289 -7.24 -9.90 -4.76
CA LYS B 289 -7.41 -11.19 -4.10
C LYS B 289 -6.07 -11.92 -3.96
N GLU B 290 -5.20 -11.78 -4.96
CA GLU B 290 -3.86 -12.39 -4.98
C GLU B 290 -2.94 -11.99 -3.82
N GLU B 291 -2.93 -10.69 -3.46
CA GLU B 291 -2.03 -10.25 -2.38
C GLU B 291 -2.46 -10.71 -0.99
N LEU B 292 -3.76 -10.99 -0.84
CA LEU B 292 -4.27 -11.54 0.41
C LEU B 292 -4.33 -13.07 0.38
N ASP B 293 -4.09 -13.66 -0.80
CA ASP B 293 -4.27 -15.12 -1.02
C ASP B 293 -5.73 -15.53 -0.87
N TRP B 294 -6.62 -14.65 -1.31
CA TRP B 294 -8.05 -14.90 -1.23
C TRP B 294 -8.51 -15.32 -2.62
N THR B 295 -7.90 -16.40 -3.10
CA THR B 295 -7.96 -16.80 -4.52
C THR B 295 -8.87 -18.02 -4.76
N LYS B 296 -9.17 -18.30 -6.03
CA LYS B 296 -9.85 -19.55 -6.42
C LYS B 296 -9.01 -20.75 -5.94
N SER B 297 -7.70 -20.62 -6.05
CA SER B 297 -6.76 -21.62 -5.52
C SER B 297 -6.90 -21.90 -4.03
N ALA B 298 -7.14 -20.85 -3.26
CA ALA B 298 -7.34 -20.93 -1.82
C ALA B 298 -8.67 -21.60 -1.47
N GLU B 299 -9.69 -21.31 -2.29
CA GLU B 299 -10.98 -21.98 -2.20
C GLU B 299 -10.81 -23.48 -2.41
N ASP B 300 -10.03 -23.85 -3.42
CA ASP B 300 -9.83 -25.24 -3.85
C ASP B 300 -9.01 -26.00 -2.81
N PHE B 301 -7.97 -25.32 -2.32
CA PHE B 301 -7.15 -25.84 -1.24
C PHE B 301 -8.00 -26.15 -0.02
N ALA B 302 -8.79 -25.16 0.41
CA ALA B 302 -9.71 -25.31 1.54
C ALA B 302 -10.63 -26.51 1.34
N ARG B 303 -11.26 -26.59 0.17
CA ARG B 303 -12.09 -27.74 -0.22
C ARG B 303 -11.38 -29.11 -0.13
N MET B 304 -10.14 -29.18 -0.62
CA MET B 304 -9.35 -30.42 -0.48
C MET B 304 -8.87 -30.69 0.96
N ASN B 305 -8.91 -29.65 1.79
CA ASN B 305 -8.38 -29.77 3.14
C ASN B 305 -9.47 -29.89 4.21
N GLY B 306 -10.72 -29.98 3.78
CA GLY B 306 -11.84 -30.12 4.71
C GLY B 306 -12.34 -28.81 5.26
N GLU B 307 -12.09 -27.73 4.54
CA GLU B 307 -12.64 -26.43 4.93
C GLU B 307 -13.65 -25.95 3.89
N LYS B 308 -14.33 -24.86 4.20
CA LYS B 308 -15.23 -24.24 3.24
C LYS B 308 -15.08 -22.73 3.39
N VAL B 309 -14.19 -22.16 2.58
CA VAL B 309 -14.02 -20.71 2.52
C VAL B 309 -14.52 -20.25 1.17
N HIS B 310 -15.27 -19.15 1.16
CA HIS B 310 -15.70 -18.54 -0.10
C HIS B 310 -15.00 -17.20 -0.29
N TYR B 311 -14.45 -17.02 -1.49
CA TYR B 311 -13.81 -15.79 -1.90
C TYR B 311 -14.44 -15.27 -3.17
N GLN B 312 -15.76 -15.31 -3.23
CA GLN B 312 -16.54 -14.87 -4.38
C GLN B 312 -16.80 -13.36 -4.29
N TRP B 313 -16.98 -12.89 -3.07
CA TRP B 313 -17.29 -11.51 -2.79
C TRP B 313 -16.51 -11.13 -1.54
N CYS B 314 -15.24 -10.78 -1.75
CA CYS B 314 -14.33 -10.48 -0.66
C CYS B 314 -14.53 -9.06 -0.14
N ILE B 315 -14.78 -8.97 1.17
CA ILE B 315 -14.77 -7.71 1.88
C ILE B 315 -13.77 -7.89 3.01
N GLU B 316 -12.73 -7.08 2.99
CA GLU B 316 -11.71 -7.19 4.01
C GLU B 316 -12.14 -6.41 5.26
N ASP B 317 -11.83 -6.94 6.44
CA ASP B 317 -12.18 -6.25 7.69
C ASP B 317 -10.99 -5.41 8.14
N PRO B 318 -11.22 -4.12 8.47
CA PRO B 318 -10.10 -3.25 8.83
C PRO B 318 -9.23 -3.67 10.04
N TYR B 319 -9.77 -4.50 10.94
CA TYR B 319 -9.07 -4.81 12.21
C TYR B 319 -8.90 -6.30 12.51
N GLU B 320 -9.80 -7.11 11.97
CA GLU B 320 -9.84 -8.54 12.19
C GLU B 320 -9.02 -9.25 11.14
N LEU B 321 -7.81 -9.69 11.49
CA LEU B 321 -6.97 -10.34 10.50
C LEU B 321 -7.65 -11.56 9.92
N ASN B 322 -7.65 -11.65 8.59
CA ASN B 322 -8.14 -12.82 7.86
C ASN B 322 -9.64 -13.05 7.95
N LEU B 323 -10.38 -12.08 8.48
CA LEU B 323 -11.83 -12.12 8.38
C LEU B 323 -12.26 -11.54 7.06
N ASN B 324 -12.82 -12.40 6.22
CA ASN B 324 -13.57 -11.95 5.05
C ASN B 324 -15.01 -11.71 5.49
N VAL B 325 -15.44 -10.46 5.38
CA VAL B 325 -16.80 -10.04 5.75
C VAL B 325 -17.83 -10.55 4.71
N GLY B 326 -17.34 -11.07 3.58
CA GLY B 326 -18.22 -11.67 2.59
C GLY B 326 -18.02 -13.18 2.55
N ARG B 327 -17.78 -13.78 3.71
CA ARG B 327 -17.40 -15.21 3.79
C ARG B 327 -18.59 -16.12 3.53
N ASN B 328 -19.79 -15.54 3.60
CA ASN B 328 -21.06 -16.25 3.50
C ASN B 328 -21.75 -15.99 2.17
N VAL B 329 -21.04 -15.37 1.25
CA VAL B 329 -21.53 -15.16 -0.10
C VAL B 329 -20.96 -16.30 -0.95
N THR B 330 -21.81 -17.31 -1.15
CA THR B 330 -21.48 -18.49 -1.93
C THR B 330 -21.54 -18.06 -3.38
N PRO B 331 -21.06 -18.93 -4.31
CA PRO B 331 -21.31 -18.75 -5.75
C PRO B 331 -22.76 -18.39 -6.13
N LEU B 332 -23.75 -19.07 -5.53
CA LEU B 332 -25.18 -18.79 -5.78
C LEU B 332 -25.70 -17.53 -5.12
N LYS B 333 -25.23 -17.27 -3.90
CA LYS B 333 -25.57 -16.01 -3.23
C LYS B 333 -24.94 -14.82 -3.97
N ARG B 334 -23.78 -15.06 -4.58
CA ARG B 334 -23.12 -14.05 -5.42
C ARG B 334 -23.98 -13.69 -6.65
N ASP B 335 -24.48 -14.71 -7.33
CA ASP B 335 -25.45 -14.56 -8.43
C ASP B 335 -26.74 -13.85 -8.00
N PHE B 336 -27.25 -14.22 -6.83
CA PHE B 336 -28.41 -13.57 -6.23
C PHE B 336 -28.15 -12.07 -6.05
N LEU B 337 -27.02 -11.73 -5.42
CA LEU B 337 -26.59 -10.34 -5.23
C LEU B 337 -26.56 -9.54 -6.54
N ARG B 338 -25.91 -10.10 -7.57
CA ARG B 338 -25.80 -9.42 -8.87
C ARG B 338 -27.18 -9.13 -9.44
N ARG B 339 -28.06 -10.13 -9.37
CA ARG B 339 -29.44 -10.03 -9.86
C ARG B 339 -30.18 -8.89 -9.15
N HIS B 340 -30.00 -8.80 -7.82
CA HIS B 340 -30.62 -7.74 -7.03
C HIS B 340 -30.04 -6.34 -7.28
N LEU B 341 -28.73 -6.27 -7.54
CA LEU B 341 -28.08 -5.01 -7.95
C LEU B 341 -28.59 -4.49 -9.29
N GLU B 342 -28.86 -5.40 -10.23
CA GLU B 342 -29.42 -5.03 -11.54
C GLU B 342 -30.84 -4.49 -11.36
N LYS B 343 -31.61 -5.21 -10.56
CA LYS B 343 -33.02 -4.92 -10.27
C LYS B 343 -33.21 -3.57 -9.58
N ALA B 344 -32.23 -3.19 -8.76
CA ALA B 344 -32.29 -1.96 -7.96
C ALA B 344 -32.28 -0.66 -8.78
N ARG B 345 -31.64 -0.67 -9.95
CA ARG B 345 -31.55 0.54 -10.79
C ARG B 345 -32.91 0.93 -11.36
N ASP B 346 -33.70 -0.08 -11.70
CA ASP B 346 -34.99 0.07 -12.35
C ASP B 346 -36.09 0.42 -11.34
N THR B 347 -35.99 -0.17 -10.15
CA THR B 347 -36.96 0.06 -9.08
C THR B 347 -36.54 1.12 -8.04
N ALA B 348 -35.46 1.87 -8.34
CA ALA B 348 -34.89 2.83 -7.38
C ALA B 348 -34.83 2.28 -5.96
N LEU B 349 -34.08 1.18 -5.79
CA LEU B 349 -33.96 0.48 -4.52
C LEU B 349 -35.31 0.05 -3.96
N LEU B 350 -36.13 -0.56 -4.83
CA LEU B 350 -37.49 -1.02 -4.49
C LEU B 350 -38.42 0.09 -3.97
N THR B 351 -38.32 1.28 -4.57
CA THR B 351 -39.19 2.39 -4.19
C THR B 351 -40.11 2.85 -5.33
N ILE B 352 -39.97 2.20 -6.49
CA ILE B 352 -40.83 2.49 -7.65
C ILE B 352 -41.57 1.24 -8.12
#